data_2OLV
#
_entry.id   2OLV
#
_cell.length_a   79.565
_cell.length_b   212.211
_cell.length_c   91.635
_cell.angle_alpha   90.000
_cell.angle_beta   90.000
_cell.angle_gamma   90.000
#
_symmetry.space_group_name_H-M   'P 21 21 2'
#
loop_
_entity.id
_entity.type
_entity.pdbx_description
1 polymer 'Penicillin-binding protein 2'
2 non-polymer MOENOMYCIN
#
_entity_poly.entity_id   1
_entity_poly.type   'polypeptide(L)'
_entity_poly.pdbx_seq_one_letter_code
;(MSE)KAPAFTEAKLQDPIPAKIYDKNGELVKTLDNGQRHEHVNLKDVPKS(MSE)KDAVLATEDNRFYEHGALDYKRLF
GAIGKNLTGGFGSEGASTLTQQVVKDAFLSQHKSIGRKAQEAYLSYRLEQEYSKDDIFQVYLNKIYYSDGVTGIKAAAKY
YFNKDLKDLNLAEEAYLAGLPQVPNNYNIYDHPKAAEDRKNTVLYL(MSE)HYHKRITDKQWEDAKKIDLKANLVNRTPE
ERQNIDTNQDSEYNSYVNFVKSEL(MSE)NNKAFKDENLGNVLQSGIKIYTN(MSE)DKDVQKTLQNDVDNGSFYKNKDQ
QVGATILDSKTGGLVAISGGRDFKDVVNRNQATDPHPTGSSLKPFLAYGPAIEN(MSE)KWATNHAIQDESSYQVDGSTF
RNYDTKSHGTVSIYDALRQSFNIPALKAWQSVKQNAGNDAPKKFAAKLGLNYEGDIGPSEVLGGSASEFSPTQLASAFAA
IANGGTYNNAHSIQKVVTRDGETIEYDHTSHKA(MSE)SDYTAY(MSE)LAE(MSE)LKGTFKPYGSAYGHGVSGVN
(MSE)GAKTGTGTYGAETYSQYNLPDNAAKDVWINGFTPQYT(MSE)SVW(MSE)GFSKVKQYGENSFVGHSQQEYPQFL
YENV(MSE)SKISSRDGEDFKRPSSVSGSIPSINVSGSQDNNTTNRSTHGGSDTSANSSGTAQSNNNTRSQQSRNSGGLT
GIFN
;
_entity_poly.pdbx_strand_id   A,B
#
# COMPACT_ATOMS: atom_id res chain seq x y z
N ALA A 9 -41.81 -18.25 8.70
CA ALA A 9 -40.90 -17.83 9.82
C ALA A 9 -39.73 -16.95 9.36
N LYS A 10 -39.98 -16.10 8.37
CA LYS A 10 -38.96 -15.21 7.80
C LYS A 10 -39.32 -13.71 7.99
N LEU A 11 -39.00 -13.18 9.17
CA LEU A 11 -39.11 -11.75 9.45
C LEU A 11 -37.84 -11.03 9.00
N GLN A 12 -36.75 -11.80 8.91
CA GLN A 12 -35.42 -11.28 8.61
C GLN A 12 -35.41 -10.34 7.42
N ASP A 13 -34.85 -9.16 7.64
CA ASP A 13 -34.58 -8.21 6.57
C ASP A 13 -33.35 -8.71 5.80
N PRO A 14 -33.47 -8.92 4.47
CA PRO A 14 -32.30 -9.45 3.80
C PRO A 14 -31.17 -8.43 3.86
N ILE A 15 -29.96 -8.92 4.04
CA ILE A 15 -28.79 -8.09 4.14
C ILE A 15 -27.86 -8.51 3.00
N PRO A 16 -27.60 -7.61 2.06
CA PRO A 16 -26.93 -8.01 0.82
C PRO A 16 -25.40 -8.08 0.88
N ALA A 17 -24.83 -8.78 -0.09
CA ALA A 17 -23.42 -9.07 -0.12
C ALA A 17 -22.58 -7.83 -0.38
N LYS A 18 -21.48 -7.69 0.37
CA LYS A 18 -20.50 -6.64 0.13
C LYS A 18 -19.26 -7.25 -0.48
N ILE A 19 -18.73 -6.63 -1.54
CA ILE A 19 -17.43 -6.98 -2.10
C ILE A 19 -16.34 -5.93 -1.81
N TYR A 20 -15.13 -6.40 -1.51
CA TYR A 20 -13.98 -5.51 -1.32
C TYR A 20 -12.88 -5.88 -2.30
N ASP A 21 -12.19 -4.86 -2.77
CA ASP A 21 -11.01 -5.00 -3.61
C ASP A 21 -9.82 -5.39 -2.75
N LYS A 22 -8.65 -5.48 -3.39
CA LYS A 22 -7.37 -5.92 -2.74
C LYS A 22 -6.99 -5.16 -1.49
N ASN A 23 -7.40 -3.89 -1.43
CA ASN A 23 -7.13 -3.00 -0.29
C ASN A 23 -8.06 -3.27 0.89
N GLY A 24 -9.07 -4.12 0.67
CA GLY A 24 -10.14 -4.32 1.64
C GLY A 24 -11.13 -3.16 1.67
N GLU A 25 -11.09 -2.31 0.65
CA GLU A 25 -12.03 -1.19 0.53
C GLU A 25 -13.30 -1.64 -0.17
N LEU A 26 -14.44 -1.26 0.40
CA LEU A 26 -15.74 -1.60 -0.15
C LEU A 26 -15.88 -1.02 -1.54
N VAL A 27 -16.39 -1.84 -2.45
CA VAL A 27 -16.31 -1.51 -3.88
C VAL A 27 -17.67 -1.65 -4.57
N LYS A 28 -18.35 -2.76 -4.32
CA LYS A 28 -19.71 -2.97 -4.78
C LYS A 28 -20.47 -3.64 -3.66
N THR A 29 -21.73 -3.24 -3.54
CA THR A 29 -22.62 -3.74 -2.52
C THR A 29 -23.84 -4.31 -3.26
N LEU A 30 -24.01 -5.63 -3.28
CA LEU A 30 -25.01 -6.27 -4.20
C LEU A 30 -26.47 -6.02 -3.83
N ASP A 31 -26.85 -4.75 -3.78
CA ASP A 31 -28.18 -4.36 -3.33
C ASP A 31 -29.12 -4.00 -4.49
N ASN A 32 -28.66 -4.16 -5.72
CA ASN A 32 -29.44 -3.81 -6.92
C ASN A 32 -29.86 -2.35 -6.90
N GLY A 33 -29.02 -1.51 -6.30
CA GLY A 33 -29.27 -0.08 -6.23
C GLY A 33 -30.51 0.31 -5.47
N GLN A 34 -31.10 -0.64 -4.74
CA GLN A 34 -32.42 -0.45 -4.15
C GLN A 34 -32.37 0.58 -3.05
N ARG A 35 -33.50 1.24 -2.82
CA ARG A 35 -33.54 2.28 -1.80
C ARG A 35 -33.84 1.61 -0.46
N HIS A 36 -32.83 0.90 0.03
CA HIS A 36 -32.95 0.12 1.26
C HIS A 36 -31.57 -0.10 1.84
N GLU A 37 -31.46 0.10 3.15
CA GLU A 37 -30.23 -0.14 3.89
C GLU A 37 -30.63 -0.70 5.25
N HIS A 38 -30.16 -1.91 5.56
CA HIS A 38 -30.44 -2.51 6.87
C HIS A 38 -29.76 -1.69 7.98
N VAL A 39 -30.50 -1.47 9.07
CA VAL A 39 -29.98 -0.78 10.24
C VAL A 39 -30.30 -1.63 11.48
N ASN A 40 -29.31 -1.93 12.32
CA ASN A 40 -29.58 -2.55 13.62
C ASN A 40 -30.20 -1.53 14.57
N LEU A 41 -30.95 -2.00 15.57
CA LEU A 41 -31.72 -1.10 16.43
C LEU A 41 -30.86 -0.15 17.24
N LYS A 42 -29.74 -0.67 17.74
CA LYS A 42 -28.85 0.11 18.59
C LYS A 42 -28.20 1.27 17.83
N ASP A 43 -28.00 1.09 16.54
CA ASP A 43 -27.50 2.16 15.65
C ASP A 43 -28.54 3.23 15.26
N VAL A 44 -29.78 3.09 15.72
CA VAL A 44 -30.79 4.10 15.47
C VAL A 44 -30.86 5.03 16.68
N PRO A 45 -30.75 6.35 16.46
CA PRO A 45 -30.73 7.32 17.57
C PRO A 45 -32.01 7.35 18.41
N LYS A 46 -31.85 7.54 19.71
CA LYS A 46 -32.98 7.55 20.66
C LYS A 46 -34.07 8.51 20.19
N SER A 47 -33.68 9.69 19.74
CA SER A 47 -34.63 10.67 19.22
C SER A 47 -35.52 10.01 18.16
N LYS A 49 -36.05 6.73 17.48
CA LYS A 49 -36.88 5.68 18.05
C LYS A 49 -38.11 6.30 18.71
N ASP A 50 -37.91 7.39 19.44
CA ASP A 50 -39.01 8.11 20.09
C ASP A 50 -40.06 8.54 19.06
N ALA A 51 -39.65 9.37 18.11
CA ALA A 51 -40.56 9.90 17.10
C ALA A 51 -41.48 8.81 16.54
N VAL A 52 -40.94 7.62 16.29
CA VAL A 52 -41.77 6.50 15.85
C VAL A 52 -42.74 6.08 16.96
N LEU A 53 -42.20 5.65 18.09
CA LEU A 53 -43.01 5.20 19.22
C LEU A 53 -44.11 6.23 19.59
N ALA A 54 -43.71 7.49 19.76
CA ALA A 54 -44.67 8.57 20.04
C ALA A 54 -45.78 8.61 19.00
N THR A 55 -45.42 8.41 17.74
CA THR A 55 -46.40 8.55 16.64
C THR A 55 -47.25 7.27 16.44
N GLU A 56 -46.69 6.10 16.74
CA GLU A 56 -47.30 4.81 16.36
C GLU A 56 -47.73 3.94 17.54
N ASP A 57 -46.84 3.71 18.49
CA ASP A 57 -47.22 2.98 19.71
C ASP A 57 -46.38 3.41 20.92
N ASN A 58 -46.78 4.51 21.55
CA ASN A 58 -45.97 5.07 22.64
C ASN A 58 -45.66 4.07 23.75
N ARG A 59 -46.67 3.29 24.15
CA ARG A 59 -46.54 2.32 25.24
C ARG A 59 -46.12 0.96 24.69
N PHE A 60 -45.08 0.91 23.86
CA PHE A 60 -44.76 -0.35 23.16
C PHE A 60 -44.04 -1.37 24.03
N TYR A 61 -43.22 -0.91 24.97
CA TYR A 61 -42.38 -1.82 25.77
C TYR A 61 -43.10 -2.46 26.96
N GLU A 62 -44.32 -2.01 27.25
CA GLU A 62 -45.16 -2.59 28.30
C GLU A 62 -46.14 -3.58 27.63
N HIS A 63 -47.35 -3.15 27.30
CA HIS A 63 -48.02 -3.65 26.09
C HIS A 63 -48.02 -5.20 25.97
N GLY A 64 -47.78 -5.75 24.77
CA GLY A 64 -47.91 -7.17 24.54
C GLY A 64 -48.41 -7.46 23.14
N ALA A 65 -49.65 -7.07 22.88
CA ALA A 65 -50.28 -7.30 21.58
C ALA A 65 -51.55 -6.44 21.48
N LEU A 66 -51.31 -5.16 21.22
CA LEU A 66 -52.30 -4.07 21.29
C LEU A 66 -52.53 -3.72 22.75
N ASP A 67 -52.67 -2.42 23.00
CA ASP A 67 -52.84 -1.87 24.35
C ASP A 67 -54.06 -2.45 25.06
N TYR A 68 -55.10 -2.79 24.29
CA TYR A 68 -56.48 -3.04 24.75
C TYR A 68 -57.19 -1.71 25.08
N LYS A 69 -56.49 -0.79 25.76
CA LYS A 69 -56.98 0.56 26.02
C LYS A 69 -57.20 1.33 24.72
N ARG A 70 -56.40 1.02 23.71
CA ARG A 70 -56.60 1.59 22.38
C ARG A 70 -57.63 0.79 21.55
N LEU A 71 -58.08 -0.35 22.09
CA LEU A 71 -59.24 -1.05 21.53
C LEU A 71 -60.51 -0.82 22.38
N PHE A 72 -60.35 -0.15 23.52
CA PHE A 72 -61.45 0.32 24.36
C PHE A 72 -62.20 1.46 23.63
N GLY A 73 -61.44 2.48 23.21
CA GLY A 73 -62.01 3.63 22.50
C GLY A 73 -62.25 3.42 21.01
N ALA A 74 -61.41 2.60 20.37
CA ALA A 74 -61.47 2.38 18.92
C ALA A 74 -62.77 1.68 18.46
N ILE A 75 -63.22 0.69 19.23
CA ILE A 75 -64.51 0.03 18.98
C ILE A 75 -65.67 1.02 19.23
N GLY A 76 -65.44 1.98 20.13
CA GLY A 76 -66.40 3.05 20.45
C GLY A 76 -66.96 3.85 19.28
N LYS A 77 -66.33 3.73 18.11
CA LYS A 77 -66.86 4.33 16.87
C LYS A 77 -67.85 3.39 16.18
N GLY A 87 -59.50 1.81 13.15
CA GLY A 87 -59.13 2.48 14.41
C GLY A 87 -57.64 2.74 14.54
N ALA A 88 -56.95 1.90 15.34
CA ALA A 88 -55.50 2.01 15.56
C ALA A 88 -54.89 0.64 15.96
N SER A 89 -53.57 0.53 15.82
CA SER A 89 -52.87 -0.73 16.09
C SER A 89 -51.40 -0.54 16.54
N THR A 90 -50.72 -1.65 16.80
CA THR A 90 -49.46 -1.63 17.54
C THR A 90 -48.29 -2.23 16.73
N LEU A 91 -47.08 -1.68 16.93
CA LEU A 91 -45.89 -2.12 16.22
C LEU A 91 -45.92 -3.63 15.95
N THR A 92 -46.00 -4.41 17.04
CA THR A 92 -45.97 -5.88 16.96
C THR A 92 -46.90 -6.37 15.88
N GLN A 93 -48.17 -5.97 15.98
CA GLN A 93 -49.17 -6.45 15.03
C GLN A 93 -48.97 -5.72 13.69
N GLN A 94 -48.64 -4.44 13.77
CA GLN A 94 -48.36 -3.64 12.58
C GLN A 94 -47.34 -4.40 11.72
N VAL A 95 -46.34 -4.99 12.38
CA VAL A 95 -45.31 -5.82 11.71
C VAL A 95 -45.92 -7.10 11.12
N VAL A 96 -46.76 -7.77 11.90
CA VAL A 96 -47.39 -9.04 11.49
C VAL A 96 -48.13 -8.87 10.16
N LYS A 97 -48.87 -7.77 10.04
CA LYS A 97 -49.52 -7.37 8.80
C LYS A 97 -48.53 -7.32 7.63
N ASP A 98 -47.34 -6.83 7.90
CA ASP A 98 -46.30 -6.71 6.89
C ASP A 98 -45.45 -7.98 6.72
N ALA A 99 -45.76 -9.02 7.49
CA ALA A 99 -45.39 -10.40 7.12
C ALA A 99 -46.47 -10.96 6.19
N PHE A 100 -46.77 -10.18 5.14
CA PHE A 100 -47.90 -10.39 4.19
C PHE A 100 -49.15 -11.12 4.73
N LEU A 101 -50.12 -10.35 5.22
CA LEU A 101 -51.48 -10.86 5.50
C LEU A 101 -52.50 -10.26 4.51
N SER A 102 -52.33 -10.60 3.22
CA SER A 102 -53.29 -10.27 2.16
C SER A 102 -53.50 -8.75 1.95
N GLN A 103 -54.39 -8.42 1.02
CA GLN A 103 -54.88 -7.04 0.81
C GLN A 103 -56.38 -6.87 1.18
N HIS A 104 -57.10 -7.98 1.38
CA HIS A 104 -58.45 -7.94 2.01
C HIS A 104 -58.27 -7.87 3.54
N LYS A 105 -59.17 -7.14 4.19
CA LYS A 105 -59.07 -6.92 5.64
C LYS A 105 -60.37 -7.32 6.35
N SER A 106 -61.25 -6.34 6.59
CA SER A 106 -62.55 -6.55 7.29
C SER A 106 -62.53 -7.62 8.40
N ILE A 107 -61.89 -7.27 9.53
CA ILE A 107 -61.66 -8.16 10.69
C ILE A 107 -61.11 -9.57 10.37
N GLY A 108 -60.63 -9.77 9.14
CA GLY A 108 -60.10 -11.05 8.69
C GLY A 108 -58.59 -11.02 8.81
N ARG A 109 -57.97 -10.06 8.14
CA ARG A 109 -56.57 -9.73 8.35
C ARG A 109 -56.35 -9.52 9.85
N LYS A 110 -57.21 -8.72 10.46
CA LYS A 110 -57.15 -8.40 11.89
C LYS A 110 -57.27 -9.63 12.81
N ALA A 111 -57.96 -10.66 12.33
CA ALA A 111 -58.14 -11.91 13.09
C ALA A 111 -56.84 -12.70 13.24
N GLN A 112 -56.14 -12.91 12.12
CA GLN A 112 -54.85 -13.60 12.12
C GLN A 112 -53.77 -12.70 12.72
N GLU A 113 -53.77 -11.44 12.27
CA GLU A 113 -52.93 -10.37 12.83
C GLU A 113 -52.87 -10.45 14.36
N ALA A 114 -54.04 -10.59 14.99
CA ALA A 114 -54.17 -10.56 16.45
C ALA A 114 -53.51 -11.74 17.17
N TYR A 115 -53.61 -12.93 16.58
CA TYR A 115 -53.03 -14.14 17.15
C TYR A 115 -51.53 -14.18 16.89
N LEU A 116 -51.17 -13.94 15.64
CA LEU A 116 -49.77 -13.89 15.20
C LEU A 116 -48.94 -12.97 16.08
N SER A 117 -49.52 -11.83 16.45
CA SER A 117 -48.90 -10.87 17.39
C SER A 117 -48.45 -11.56 18.69
N TYR A 118 -49.39 -12.18 19.39
CA TYR A 118 -49.10 -12.90 20.65
C TYR A 118 -48.07 -14.01 20.48
N ARG A 119 -48.15 -14.73 19.36
CA ARG A 119 -47.15 -15.76 19.02
C ARG A 119 -45.77 -15.16 18.80
N LEU A 120 -45.71 -14.10 18.01
CA LEU A 120 -44.47 -13.43 17.66
C LEU A 120 -43.82 -12.77 18.89
N GLU A 121 -44.64 -12.29 19.81
CA GLU A 121 -44.14 -11.71 21.05
C GLU A 121 -43.51 -12.76 21.97
N GLN A 122 -43.93 -14.01 21.82
CA GLN A 122 -43.37 -15.10 22.63
C GLN A 122 -42.13 -15.73 22.00
N GLU A 123 -41.88 -15.43 20.73
CA GLU A 123 -40.67 -15.92 20.04
C GLU A 123 -39.58 -14.83 19.91
N TYR A 124 -39.99 -13.57 19.79
CA TYR A 124 -39.05 -12.46 19.58
C TYR A 124 -39.16 -11.39 20.66
N SER A 125 -38.03 -10.75 20.97
CA SER A 125 -37.97 -9.70 21.97
C SER A 125 -38.57 -8.42 21.43
N LYS A 126 -38.86 -7.48 22.31
CA LYS A 126 -39.40 -6.20 21.87
C LYS A 126 -38.47 -5.54 20.86
N ASP A 127 -37.16 -5.62 21.11
CA ASP A 127 -36.21 -4.93 20.26
C ASP A 127 -36.17 -5.52 18.85
N ASP A 128 -36.04 -6.84 18.75
CA ASP A 128 -36.03 -7.49 17.44
C ASP A 128 -37.28 -7.17 16.62
N ILE A 129 -38.40 -6.87 17.28
CA ILE A 129 -39.64 -6.51 16.59
C ILE A 129 -39.58 -5.06 16.11
N PHE A 130 -39.17 -4.15 16.98
CA PHE A 130 -38.95 -2.76 16.61
C PHE A 130 -37.97 -2.64 15.45
N GLN A 131 -36.96 -3.49 15.45
CA GLN A 131 -35.97 -3.48 14.38
C GLN A 131 -36.59 -3.83 13.03
N VAL A 132 -37.22 -4.99 12.95
CA VAL A 132 -37.87 -5.41 11.71
C VAL A 132 -38.85 -4.35 11.23
N TYR A 133 -39.49 -3.66 12.18
CA TYR A 133 -40.32 -2.53 11.81
C TYR A 133 -39.44 -1.53 11.08
N LEU A 134 -38.42 -1.00 11.76
CA LEU A 134 -37.61 0.09 11.21
C LEU A 134 -36.88 -0.29 9.91
N ASN A 135 -36.95 -1.56 9.53
CA ASN A 135 -36.33 -2.00 8.29
C ASN A 135 -37.32 -2.21 7.16
N LYS A 136 -38.51 -2.72 7.45
CA LYS A 136 -39.40 -3.16 6.38
C LYS A 136 -40.37 -2.10 5.86
N ILE A 137 -40.92 -1.28 6.74
CA ILE A 137 -42.02 -0.37 6.37
C ILE A 137 -41.68 0.61 5.22
N TYR A 138 -42.74 1.10 4.54
CA TYR A 138 -42.60 1.84 3.27
C TYR A 138 -42.64 3.35 3.43
N TYR A 139 -41.84 4.06 2.62
CA TYR A 139 -41.71 5.52 2.74
C TYR A 139 -41.93 6.29 1.42
N SER A 140 -42.61 5.66 0.45
CA SER A 140 -42.84 6.27 -0.87
C SER A 140 -41.59 6.28 -1.76
N ASP A 141 -41.81 6.43 -3.07
CA ASP A 141 -40.74 6.35 -4.09
C ASP A 141 -39.84 5.12 -3.90
N GLY A 142 -40.43 3.99 -3.53
CA GLY A 142 -39.69 2.73 -3.42
C GLY A 142 -38.83 2.55 -2.19
N VAL A 143 -38.82 3.54 -1.30
CA VAL A 143 -37.93 3.54 -0.13
C VAL A 143 -38.48 2.68 1.01
N THR A 144 -37.74 1.62 1.36
CA THR A 144 -38.10 0.75 2.48
C THR A 144 -37.09 0.94 3.61
N GLY A 145 -37.61 1.28 4.80
CA GLY A 145 -36.78 1.38 5.98
C GLY A 145 -36.25 2.77 6.25
N ILE A 146 -36.03 3.05 7.53
CA ILE A 146 -35.71 4.39 7.99
C ILE A 146 -34.30 4.83 7.57
N LYS A 147 -33.34 3.93 7.55
CA LYS A 147 -31.97 4.31 7.22
C LYS A 147 -31.93 4.86 5.80
N ALA A 148 -32.77 4.28 4.95
CA ALA A 148 -32.87 4.69 3.56
C ALA A 148 -33.61 6.04 3.45
N ALA A 149 -34.74 6.14 4.12
CA ALA A 149 -35.48 7.38 4.16
C ALA A 149 -34.55 8.57 4.37
N ALA A 150 -33.70 8.49 5.39
CA ALA A 150 -32.82 9.60 5.78
C ALA A 150 -31.81 10.00 4.69
N LYS A 151 -31.12 9.03 4.13
CA LYS A 151 -30.16 9.30 3.04
C LYS A 151 -30.91 9.82 1.83
N TYR A 152 -32.11 9.30 1.59
CA TYR A 152 -32.89 9.74 0.44
C TYR A 152 -33.26 11.22 0.59
N TYR A 153 -34.25 11.50 1.42
CA TYR A 153 -34.81 12.85 1.51
C TYR A 153 -33.81 13.92 1.92
N PHE A 154 -32.87 13.58 2.79
CA PHE A 154 -31.96 14.57 3.36
C PHE A 154 -30.47 14.33 3.14
N ASN A 155 -30.11 13.19 2.55
CA ASN A 155 -28.71 12.80 2.39
C ASN A 155 -27.99 12.81 3.73
N LYS A 156 -28.74 12.48 4.79
CA LYS A 156 -28.25 12.54 6.15
C LYS A 156 -28.17 11.14 6.75
N ASP A 157 -27.11 10.87 7.49
CA ASP A 157 -27.09 9.73 8.39
C ASP A 157 -28.00 10.07 9.56
N LEU A 158 -28.57 9.04 10.17
CA LEU A 158 -29.54 9.26 11.23
C LEU A 158 -28.93 10.11 12.34
N LYS A 159 -27.71 9.75 12.76
CA LYS A 159 -27.05 10.39 13.91
C LYS A 159 -27.12 11.93 13.90
N ASP A 160 -26.83 12.54 12.76
CA ASP A 160 -26.91 13.99 12.64
C ASP A 160 -28.09 14.43 11.78
N LEU A 161 -29.29 14.34 12.35
CA LEU A 161 -30.47 14.97 11.75
C LEU A 161 -31.42 15.50 12.83
N ASN A 162 -32.08 16.62 12.54
CA ASN A 162 -32.85 17.35 13.57
C ASN A 162 -34.26 16.80 13.77
N LEU A 163 -34.97 17.35 14.75
CA LEU A 163 -36.28 16.83 15.15
C LEU A 163 -37.36 16.98 14.08
N ALA A 164 -37.30 18.07 13.31
CA ALA A 164 -38.25 18.28 12.22
C ALA A 164 -38.17 17.11 11.26
N GLU A 165 -36.95 16.83 10.83
CA GLU A 165 -36.67 15.74 9.92
C GLU A 165 -37.20 14.43 10.49
N GLU A 166 -36.89 14.16 11.76
CA GLU A 166 -37.32 12.93 12.42
C GLU A 166 -38.84 12.84 12.51
N ALA A 167 -39.45 13.92 12.96
CA ALA A 167 -40.91 13.98 13.01
C ALA A 167 -41.47 13.53 11.67
N TYR A 168 -41.06 14.21 10.60
CA TYR A 168 -41.59 13.92 9.27
C TYR A 168 -41.43 12.44 8.93
N LEU A 169 -40.18 11.95 8.97
CA LEU A 169 -39.90 10.56 8.65
C LEU A 169 -40.74 9.62 9.51
N ALA A 170 -40.84 9.93 10.79
CA ALA A 170 -41.69 9.15 11.70
C ALA A 170 -43.10 9.16 11.19
N GLY A 171 -43.56 10.31 10.71
CA GLY A 171 -44.94 10.46 10.24
C GLY A 171 -45.24 9.71 8.94
N LEU A 172 -44.23 9.57 8.08
CA LEU A 172 -44.46 9.23 6.68
C LEU A 172 -45.20 7.91 6.44
N PRO A 173 -44.78 6.83 7.13
CA PRO A 173 -45.33 5.49 6.86
C PRO A 173 -46.82 5.30 7.13
N GLN A 174 -47.53 6.31 7.61
CA GLN A 174 -48.97 6.19 7.80
C GLN A 174 -49.72 6.17 6.47
N VAL A 175 -49.44 7.16 5.61
CA VAL A 175 -49.97 7.17 4.25
C VAL A 175 -48.89 7.74 3.32
N PRO A 176 -47.78 7.00 3.18
CA PRO A 176 -46.57 7.52 2.54
C PRO A 176 -46.85 8.37 1.31
N ASN A 177 -47.45 7.77 0.29
CA ASN A 177 -47.66 8.45 -0.98
C ASN A 177 -48.41 9.80 -0.79
N ASN A 178 -49.44 9.80 0.06
CA ASN A 178 -50.15 11.05 0.38
C ASN A 178 -49.30 12.08 1.15
N TYR A 179 -48.28 11.62 1.88
CA TYR A 179 -47.42 12.50 2.69
C TYR A 179 -46.04 12.78 2.09
N ASN A 180 -45.75 12.23 0.91
CA ASN A 180 -44.45 12.47 0.26
C ASN A 180 -44.24 13.94 -0.10
N ILE A 181 -43.24 14.58 0.50
CA ILE A 181 -43.04 16.04 0.38
C ILE A 181 -42.95 16.56 -1.05
N TYR A 182 -42.26 15.81 -1.91
CA TYR A 182 -42.06 16.24 -3.28
C TYR A 182 -43.43 16.46 -3.96
N ASP A 183 -44.37 15.54 -3.71
CA ASP A 183 -45.72 15.63 -4.29
C ASP A 183 -46.67 16.54 -3.50
N HIS A 184 -46.86 16.25 -2.21
CA HIS A 184 -47.85 16.96 -1.38
C HIS A 184 -47.21 17.70 -0.20
N PRO A 185 -46.39 18.73 -0.46
CA PRO A 185 -45.64 19.41 0.64
C PRO A 185 -46.55 19.98 1.71
N LYS A 186 -47.65 20.59 1.30
CA LYS A 186 -48.65 21.11 2.25
C LYS A 186 -49.10 19.97 3.19
N ALA A 187 -49.38 18.80 2.61
CA ALA A 187 -49.84 17.64 3.38
C ALA A 187 -48.73 17.12 4.30
N ALA A 188 -47.50 17.11 3.80
CA ALA A 188 -46.33 16.66 4.56
C ALA A 188 -46.10 17.57 5.75
N GLU A 189 -46.15 18.88 5.51
CA GLU A 189 -45.99 19.85 6.58
C GLU A 189 -46.94 19.52 7.71
N ASP A 190 -48.24 19.43 7.39
CA ASP A 190 -49.28 19.19 8.40
C ASP A 190 -49.08 17.86 9.15
N ARG A 191 -48.52 16.86 8.47
CA ARG A 191 -48.29 15.57 9.07
C ARG A 191 -47.06 15.58 9.99
N LYS A 192 -46.01 16.28 9.58
CA LYS A 192 -44.84 16.50 10.43
C LYS A 192 -45.28 17.25 11.68
N ASN A 193 -46.13 18.25 11.50
CA ASN A 193 -46.67 19.05 12.61
C ASN A 193 -47.41 18.22 13.66
N THR A 194 -48.23 17.28 13.20
CA THR A 194 -48.99 16.42 14.13
C THR A 194 -48.09 15.40 14.83
N VAL A 195 -47.01 14.99 14.15
CA VAL A 195 -46.04 14.09 14.77
C VAL A 195 -45.35 14.80 15.93
N LEU A 196 -44.93 16.03 15.70
CA LEU A 196 -44.31 16.82 16.76
C LEU A 196 -45.28 16.92 17.93
N TYR A 197 -46.54 17.21 17.64
CA TYR A 197 -47.57 17.31 18.68
C TYR A 197 -47.68 16.02 19.48
N LEU A 198 -47.63 14.87 18.80
CA LEU A 198 -47.70 13.57 19.48
C LEU A 198 -46.46 13.32 20.34
N HIS A 200 -44.68 15.63 21.78
CA HIS A 200 -44.90 16.48 22.95
C HIS A 200 -45.94 15.85 23.88
N TYR A 201 -47.11 15.55 23.32
CA TYR A 201 -48.25 15.03 24.10
C TYR A 201 -47.85 13.82 24.95
N HIS A 202 -46.95 13.00 24.41
CA HIS A 202 -46.44 11.80 25.11
C HIS A 202 -45.14 12.04 25.89
N LYS A 203 -44.80 13.31 26.10
CA LYS A 203 -43.66 13.70 26.93
C LYS A 203 -42.30 13.17 26.42
N ARG A 204 -42.21 12.93 25.12
CA ARG A 204 -40.93 12.50 24.53
C ARG A 204 -40.00 13.67 24.26
N ILE A 205 -40.54 14.89 24.26
CA ILE A 205 -39.71 16.09 24.16
C ILE A 205 -40.29 17.22 25.01
N THR A 206 -39.41 18.12 25.45
CA THR A 206 -39.80 19.19 26.38
C THR A 206 -40.53 20.33 25.66
N ASP A 207 -41.11 21.23 26.44
CA ASP A 207 -41.81 22.39 25.90
C ASP A 207 -40.88 23.23 25.04
N LYS A 208 -39.64 23.42 25.52
CA LYS A 208 -38.69 24.30 24.83
C LYS A 208 -38.32 23.76 23.45
N GLN A 209 -37.83 22.52 23.40
CA GLN A 209 -37.38 21.93 22.14
C GLN A 209 -38.53 21.62 21.16
N TRP A 210 -39.77 21.48 21.66
CA TRP A 210 -40.95 21.37 20.79
C TRP A 210 -41.25 22.73 20.14
N GLU A 211 -41.28 23.78 20.95
CA GLU A 211 -41.53 25.13 20.44
C GLU A 211 -40.32 25.62 19.62
N ASP A 212 -39.15 25.04 19.85
CA ASP A 212 -37.95 25.33 19.04
C ASP A 212 -37.85 24.45 17.81
N ALA A 213 -38.52 23.31 17.84
CA ALA A 213 -38.53 22.38 16.70
C ALA A 213 -39.55 22.80 15.63
N LYS A 214 -40.74 23.21 16.07
CA LYS A 214 -41.84 23.50 15.13
C LYS A 214 -41.58 24.72 14.26
N LYS A 215 -40.63 25.58 14.66
CA LYS A 215 -40.24 26.75 13.87
C LYS A 215 -39.01 26.47 13.00
N ILE A 216 -39.00 25.30 12.37
CA ILE A 216 -37.88 24.88 11.52
C ILE A 216 -38.41 24.55 10.14
N ASP A 217 -37.66 24.94 9.11
CA ASP A 217 -38.05 24.67 7.73
C ASP A 217 -37.73 23.22 7.41
N LEU A 218 -38.74 22.47 6.98
CA LEU A 218 -38.57 21.06 6.63
C LEU A 218 -37.65 20.93 5.43
N LYS A 219 -37.82 21.82 4.46
CA LYS A 219 -36.94 21.87 3.28
C LYS A 219 -35.48 22.20 3.63
N ALA A 220 -35.19 22.39 4.93
CA ALA A 220 -33.84 22.65 5.46
C ALA A 220 -32.71 22.08 4.59
N ASN A 221 -32.41 20.79 4.75
CA ASN A 221 -31.45 20.12 3.87
C ASN A 221 -32.18 19.09 3.01
N LEU A 222 -33.29 19.51 2.40
CA LEU A 222 -34.01 18.64 1.47
C LEU A 222 -33.23 18.62 0.17
N VAL A 223 -32.86 17.42 -0.27
CA VAL A 223 -32.18 17.28 -1.56
C VAL A 223 -33.18 17.52 -2.70
N ASN A 224 -32.85 18.44 -3.60
CA ASN A 224 -33.76 18.81 -4.70
C ASN A 224 -33.75 17.79 -5.83
N ARG A 225 -34.93 17.56 -6.40
CA ARG A 225 -35.12 16.52 -7.41
C ARG A 225 -36.31 16.76 -8.33
N THR A 226 -36.35 15.94 -9.38
CA THR A 226 -37.41 15.95 -10.38
C THR A 226 -38.00 14.54 -10.54
N PRO A 227 -39.28 14.45 -10.96
CA PRO A 227 -40.03 13.20 -11.15
C PRO A 227 -39.27 11.99 -11.73
N GLU A 228 -38.67 12.14 -12.91
CA GLU A 228 -38.07 10.99 -13.60
C GLU A 228 -36.79 10.44 -12.98
N GLU A 229 -36.18 11.21 -12.08
CA GLU A 229 -35.08 10.71 -11.26
C GLU A 229 -35.60 9.79 -10.14
N ARG A 230 -36.82 10.10 -9.65
CA ARG A 230 -37.46 9.37 -8.54
C ARG A 230 -38.23 8.10 -8.96
N GLN A 231 -38.43 7.92 -10.26
CA GLN A 231 -38.90 6.66 -10.80
C GLN A 231 -37.76 5.94 -11.52
N ASN A 232 -36.57 6.56 -11.52
CA ASN A 232 -35.33 5.92 -11.97
C ASN A 232 -34.67 5.16 -10.82
N ILE A 233 -35.22 3.98 -10.56
CA ILE A 233 -34.55 2.90 -9.85
C ILE A 233 -33.34 2.43 -10.71
N ASP A 234 -32.16 3.04 -10.51
CA ASP A 234 -30.99 2.76 -11.37
C ASP A 234 -30.25 1.47 -10.97
N THR A 235 -30.59 0.38 -11.65
CA THR A 235 -30.08 -0.93 -11.29
C THR A 235 -28.77 -1.31 -12.00
N ASN A 236 -28.04 -0.34 -12.52
CA ASN A 236 -26.77 -0.63 -13.21
C ASN A 236 -25.69 0.37 -12.83
N GLN A 237 -25.34 0.41 -11.55
CA GLN A 237 -24.37 1.38 -11.05
C GLN A 237 -22.96 0.80 -10.86
N ASP A 238 -21.96 1.65 -11.01
CA ASP A 238 -20.54 1.25 -11.02
C ASP A 238 -20.45 0.09 -11.98
N SER A 239 -21.12 0.26 -13.11
CA SER A 239 -21.39 -0.88 -14.00
C SER A 239 -20.06 -1.44 -14.47
N GLU A 240 -18.95 -0.75 -14.09
CA GLU A 240 -17.65 -1.28 -14.42
C GLU A 240 -17.41 -2.59 -13.68
N TYR A 241 -18.08 -2.81 -12.55
CA TYR A 241 -17.74 -3.99 -11.73
C TYR A 241 -18.50 -5.22 -12.07
N ASN A 242 -19.57 -5.00 -12.84
CA ASN A 242 -20.50 -6.02 -13.27
C ASN A 242 -19.79 -7.32 -13.57
N SER A 243 -18.82 -7.34 -14.48
CA SER A 243 -18.11 -8.61 -14.77
C SER A 243 -17.23 -9.16 -13.63
N TYR A 244 -16.46 -8.29 -12.86
CA TYR A 244 -15.54 -8.79 -11.76
C TYR A 244 -16.46 -9.40 -10.74
N VAL A 245 -17.66 -8.84 -10.66
CA VAL A 245 -18.74 -9.40 -9.77
C VAL A 245 -19.25 -10.75 -10.19
N ASN A 246 -19.46 -10.93 -11.47
CA ASN A 246 -20.08 -12.20 -11.92
C ASN A 246 -19.05 -13.34 -11.73
N PHE A 247 -17.78 -12.95 -11.72
CA PHE A 247 -16.74 -13.93 -11.36
C PHE A 247 -16.75 -14.28 -9.86
N VAL A 248 -17.04 -13.31 -9.02
CA VAL A 248 -17.11 -13.57 -7.58
C VAL A 248 -18.24 -14.60 -7.39
N LYS A 249 -19.44 -14.27 -7.88
CA LYS A 249 -20.63 -15.19 -7.84
C LYS A 249 -20.32 -16.63 -8.21
N SER A 250 -19.51 -16.82 -9.23
CA SER A 250 -19.12 -18.17 -9.63
C SER A 250 -18.25 -18.87 -8.58
N GLU A 251 -17.17 -18.21 -8.20
CA GLU A 251 -16.20 -18.77 -7.28
C GLU A 251 -16.75 -18.92 -5.86
N LEU A 252 -17.67 -18.05 -5.49
CA LEU A 252 -18.31 -18.12 -4.17
C LEU A 252 -18.81 -19.52 -3.85
N ASN A 254 -18.26 -22.50 -5.54
CA ASN A 254 -17.25 -23.58 -5.60
C ASN A 254 -16.33 -23.57 -4.36
N ASN A 255 -16.88 -23.91 -3.20
CA ASN A 255 -16.10 -24.11 -1.98
C ASN A 255 -16.95 -24.90 -1.00
N LYS A 256 -16.32 -25.86 -0.31
CA LYS A 256 -16.95 -26.68 0.74
C LYS A 256 -18.11 -25.98 1.44
N ALA A 257 -17.81 -24.89 2.16
CA ALA A 257 -18.73 -24.28 3.12
C ALA A 257 -20.08 -23.96 2.52
N PHE A 258 -20.12 -23.70 1.21
CA PHE A 258 -21.36 -23.46 0.48
C PHE A 258 -21.74 -24.66 -0.43
N LYS A 259 -21.92 -24.46 -1.74
CA LYS A 259 -22.32 -25.50 -2.71
C LYS A 259 -23.57 -26.33 -2.33
N ASP A 260 -23.53 -26.97 -1.16
CA ASP A 260 -24.72 -27.51 -0.52
C ASP A 260 -25.86 -26.48 -0.53
N GLU A 261 -25.52 -25.21 -0.68
CA GLU A 261 -26.44 -24.11 -0.49
C GLU A 261 -26.94 -23.45 -1.78
N ASN A 262 -27.85 -22.51 -1.61
CA ASN A 262 -28.52 -21.82 -2.70
C ASN A 262 -27.93 -20.43 -2.88
N LEU A 263 -27.19 -20.22 -3.97
CA LEU A 263 -26.60 -18.90 -4.26
C LEU A 263 -27.54 -17.74 -3.88
N GLY A 264 -28.73 -17.71 -4.49
CA GLY A 264 -29.72 -16.65 -4.28
C GLY A 264 -29.91 -16.27 -2.83
N ASN A 265 -29.71 -17.24 -1.94
CA ASN A 265 -29.80 -17.03 -0.50
C ASN A 265 -28.55 -16.43 0.12
N VAL A 266 -27.40 -17.02 -0.17
CA VAL A 266 -26.13 -16.59 0.45
C VAL A 266 -25.83 -15.12 0.16
N LEU A 267 -26.17 -14.68 -1.04
CA LEU A 267 -25.94 -13.28 -1.44
C LEU A 267 -26.81 -12.29 -0.65
N GLN A 268 -27.85 -12.80 0.02
CA GLN A 268 -28.68 -11.98 0.91
C GLN A 268 -28.52 -12.36 2.39
N SER A 269 -27.49 -13.16 2.72
CA SER A 269 -27.28 -13.60 4.10
C SER A 269 -26.11 -12.88 4.80
N GLY A 270 -25.73 -11.72 4.27
CA GLY A 270 -24.86 -10.78 4.99
C GLY A 270 -23.39 -11.05 4.89
N ILE A 271 -22.97 -11.76 3.84
CA ILE A 271 -21.59 -12.21 3.72
C ILE A 271 -20.69 -11.05 3.28
N LYS A 272 -19.38 -11.22 3.38
CA LYS A 272 -18.45 -10.15 3.04
C LYS A 272 -17.29 -10.72 2.26
N ILE A 273 -17.29 -10.46 0.96
CA ILE A 273 -16.28 -11.02 0.07
C ILE A 273 -15.06 -10.09 -0.07
N TYR A 274 -13.88 -10.68 0.01
CA TYR A 274 -12.72 -9.89 -0.20
C TYR A 274 -12.07 -10.48 -1.41
N THR A 275 -11.88 -9.64 -2.43
CA THR A 275 -11.21 -10.05 -3.64
C THR A 275 -9.78 -9.53 -3.89
N ASN A 276 -9.19 -10.11 -4.94
CA ASN A 276 -7.95 -9.64 -5.51
C ASN A 276 -8.18 -8.55 -6.56
N ASP A 278 -8.36 -5.14 -8.27
CA ASP A 278 -7.93 -3.80 -8.11
C ASP A 278 -8.78 -2.85 -8.98
N LYS A 279 -9.70 -2.18 -8.30
CA LYS A 279 -10.52 -1.07 -8.81
C LYS A 279 -10.05 -0.35 -10.05
N ASP A 280 -8.85 0.16 -9.98
CA ASP A 280 -8.38 1.04 -11.03
C ASP A 280 -8.05 0.24 -12.29
N VAL A 281 -7.42 -0.93 -12.14
CA VAL A 281 -7.24 -1.79 -13.30
C VAL A 281 -8.62 -2.04 -13.92
N GLN A 282 -9.62 -2.29 -13.07
CA GLN A 282 -10.93 -2.74 -13.49
C GLN A 282 -11.68 -1.63 -14.22
N LYS A 283 -11.67 -0.43 -13.63
CA LYS A 283 -12.30 0.73 -14.28
C LYS A 283 -11.67 0.91 -15.65
N THR A 284 -10.36 1.17 -15.63
CA THR A 284 -9.60 1.30 -16.87
C THR A 284 -10.06 0.29 -17.93
N LEU A 285 -10.19 -0.98 -17.55
CA LEU A 285 -10.44 -2.04 -18.51
C LEU A 285 -11.84 -1.98 -19.13
N GLN A 286 -12.87 -1.85 -18.30
CA GLN A 286 -14.22 -1.75 -18.82
C GLN A 286 -14.45 -0.38 -19.52
N ASN A 287 -13.83 0.66 -19.00
CA ASN A 287 -13.85 1.96 -19.68
C ASN A 287 -13.32 1.84 -21.13
N ASP A 288 -12.29 1.05 -21.32
CA ASP A 288 -11.61 0.99 -22.60
C ASP A 288 -12.35 0.04 -23.54
N VAL A 289 -12.89 -1.03 -22.97
CA VAL A 289 -13.80 -1.90 -23.70
C VAL A 289 -15.02 -1.08 -24.15
N ASP A 290 -15.52 -0.19 -23.30
CA ASP A 290 -16.78 0.51 -23.58
C ASP A 290 -16.57 1.70 -24.53
N ASN A 291 -15.38 2.30 -24.46
CA ASN A 291 -15.05 3.52 -25.17
C ASN A 291 -14.14 3.30 -26.36
N GLY A 292 -13.74 2.06 -26.58
CA GLY A 292 -13.04 1.70 -27.79
C GLY A 292 -13.77 2.04 -29.09
N SER A 293 -12.97 2.35 -30.10
CA SER A 293 -13.38 2.65 -31.45
C SER A 293 -12.93 1.50 -32.36
N PHE A 294 -12.18 0.57 -31.76
CA PHE A 294 -11.65 -0.62 -32.44
C PHE A 294 -12.73 -1.69 -32.58
N TYR A 295 -13.90 -1.27 -33.04
CA TYR A 295 -15.00 -2.20 -33.32
C TYR A 295 -15.56 -1.95 -34.71
N LYS A 296 -15.68 -3.02 -35.47
CA LYS A 296 -16.28 -2.99 -36.81
C LYS A 296 -17.75 -2.62 -36.76
N ASN A 297 -18.50 -3.22 -35.83
CA ASN A 297 -19.94 -3.02 -35.70
C ASN A 297 -20.45 -3.49 -34.34
N LYS A 298 -21.61 -3.04 -33.90
CA LYS A 298 -22.13 -3.39 -32.57
C LYS A 298 -22.17 -4.90 -32.24
N ASP A 299 -21.96 -5.77 -33.22
CA ASP A 299 -21.99 -7.24 -33.03
C ASP A 299 -20.65 -7.84 -32.68
N GLN A 300 -19.63 -7.00 -32.67
CA GLN A 300 -18.28 -7.44 -32.37
C GLN A 300 -18.21 -7.57 -30.86
N GLN A 301 -17.54 -8.61 -30.40
CA GLN A 301 -17.45 -8.88 -28.97
C GLN A 301 -16.04 -8.91 -28.41
N VAL A 302 -15.96 -8.70 -27.12
CA VAL A 302 -14.74 -8.70 -26.40
C VAL A 302 -14.93 -9.59 -25.20
N GLY A 303 -13.90 -10.35 -24.87
CA GLY A 303 -13.76 -10.88 -23.53
C GLY A 303 -12.32 -10.70 -23.17
N ALA A 304 -12.06 -9.93 -22.13
CA ALA A 304 -10.70 -9.69 -21.63
C ALA A 304 -10.66 -10.08 -20.18
N THR A 305 -9.52 -10.63 -19.74
CA THR A 305 -9.18 -10.92 -18.34
C THR A 305 -7.74 -10.50 -18.09
N ILE A 306 -7.50 -9.78 -17.01
CA ILE A 306 -6.16 -9.47 -16.54
C ILE A 306 -5.98 -10.28 -15.28
N LEU A 307 -4.76 -10.67 -14.97
CA LEU A 307 -4.45 -11.22 -13.64
C LEU A 307 -2.99 -11.10 -13.28
N ASP A 308 -2.72 -11.25 -11.98
CA ASP A 308 -1.38 -11.12 -11.42
C ASP A 308 -0.56 -12.33 -11.86
N SER A 309 0.54 -12.07 -12.58
CA SER A 309 1.40 -13.15 -13.03
C SER A 309 1.85 -14.00 -11.85
N LYS A 310 2.32 -13.38 -10.78
CA LYS A 310 2.90 -14.19 -9.72
C LYS A 310 1.89 -15.13 -9.02
N THR A 311 0.72 -14.62 -8.65
CA THR A 311 -0.23 -15.41 -7.83
C THR A 311 -1.33 -16.12 -8.62
N GLY A 312 -1.71 -15.59 -9.78
CA GLY A 312 -2.88 -16.06 -10.50
C GLY A 312 -4.15 -15.39 -10.01
N GLY A 313 -3.99 -14.41 -9.11
CA GLY A 313 -5.11 -13.65 -8.58
C GLY A 313 -5.65 -12.72 -9.65
N LEU A 314 -6.97 -12.53 -9.62
CA LEU A 314 -7.70 -11.84 -10.67
C LEU A 314 -7.83 -10.37 -10.35
N VAL A 315 -7.17 -9.53 -11.15
CA VAL A 315 -7.08 -8.11 -10.80
C VAL A 315 -8.20 -7.32 -11.39
N ALA A 316 -8.59 -7.64 -12.60
CA ALA A 316 -9.67 -6.96 -13.26
C ALA A 316 -10.20 -7.92 -14.31
N ILE A 317 -11.35 -7.64 -14.93
CA ILE A 317 -12.03 -8.59 -15.87
C ILE A 317 -13.27 -7.99 -16.61
N SER A 318 -13.36 -8.22 -17.91
CA SER A 318 -14.47 -7.71 -18.71
C SER A 318 -15.19 -8.76 -19.54
N GLY A 319 -16.47 -8.95 -19.24
CA GLY A 319 -17.25 -9.94 -19.99
C GLY A 319 -17.70 -9.45 -21.35
N GLY A 320 -17.52 -8.15 -21.61
CA GLY A 320 -17.88 -7.52 -22.89
C GLY A 320 -18.30 -6.08 -22.74
N ARG A 321 -18.39 -5.37 -23.86
CA ARG A 321 -18.88 -3.97 -23.84
C ARG A 321 -20.32 -3.90 -23.34
N ASP A 322 -20.51 -3.10 -22.30
CA ASP A 322 -21.80 -2.96 -21.58
C ASP A 322 -22.34 -4.22 -20.92
N PHE A 323 -21.47 -5.19 -20.70
CA PHE A 323 -21.76 -6.34 -19.86
C PHE A 323 -22.63 -6.04 -18.61
N LYS A 324 -23.79 -6.70 -18.59
CA LYS A 324 -24.64 -6.87 -17.39
C LYS A 324 -24.63 -8.36 -17.04
N ASP A 325 -25.08 -8.75 -15.85
CA ASP A 325 -24.63 -10.02 -15.25
C ASP A 325 -25.49 -11.25 -15.57
N VAL A 326 -26.71 -11.30 -15.08
CA VAL A 326 -27.55 -12.42 -15.46
C VAL A 326 -27.78 -12.39 -16.98
N VAL A 327 -27.74 -11.18 -17.55
CA VAL A 327 -28.20 -10.95 -18.92
C VAL A 327 -27.20 -11.32 -19.97
N ASN A 328 -25.94 -10.98 -19.76
CA ASN A 328 -24.95 -11.20 -20.81
C ASN A 328 -24.03 -12.37 -20.51
N ARG A 329 -23.51 -12.92 -21.59
CA ARG A 329 -22.55 -13.97 -21.51
C ARG A 329 -21.23 -13.37 -21.05
N ASN A 330 -20.49 -14.10 -20.24
CA ASN A 330 -19.18 -13.68 -19.86
C ASN A 330 -18.12 -14.23 -20.83
N GLN A 331 -17.85 -13.41 -21.85
CA GLN A 331 -16.84 -13.69 -22.87
C GLN A 331 -15.45 -13.93 -22.37
N ALA A 332 -15.13 -13.44 -21.17
CA ALA A 332 -13.82 -13.68 -20.57
C ALA A 332 -13.73 -15.07 -19.95
N THR A 333 -14.81 -15.55 -19.38
CA THR A 333 -14.92 -16.95 -18.94
C THR A 333 -15.68 -17.95 -19.91
N ASP A 334 -15.91 -17.62 -21.18
CA ASP A 334 -16.47 -18.64 -22.10
C ASP A 334 -15.39 -19.18 -23.03
N PRO A 335 -15.55 -20.42 -23.47
CA PRO A 335 -14.52 -20.95 -24.34
C PRO A 335 -14.69 -20.38 -25.72
N HIS A 336 -13.56 -20.09 -26.36
CA HIS A 336 -13.50 -19.61 -27.73
C HIS A 336 -12.39 -20.38 -28.44
N PRO A 337 -12.54 -20.60 -29.76
CA PRO A 337 -11.45 -21.23 -30.51
C PRO A 337 -10.20 -20.37 -30.48
N THR A 338 -9.07 -20.99 -30.18
CA THR A 338 -7.88 -20.28 -29.71
C THR A 338 -6.94 -19.76 -30.79
N GLY A 339 -7.07 -20.27 -32.01
CA GLY A 339 -6.16 -19.88 -33.09
C GLY A 339 -4.74 -20.31 -32.80
N SER A 340 -3.78 -19.50 -33.22
CA SER A 340 -2.36 -19.80 -32.99
C SER A 340 -1.93 -19.55 -31.55
N SER A 341 -2.85 -19.12 -30.69
CA SER A 341 -2.54 -18.84 -29.28
C SER A 341 -1.76 -19.95 -28.56
N LEU A 342 -2.08 -21.22 -28.84
CA LEU A 342 -1.58 -22.35 -28.05
C LEU A 342 -0.27 -22.98 -28.54
N LYS A 343 0.34 -22.39 -29.58
CA LYS A 343 1.58 -22.96 -30.12
C LYS A 343 2.72 -23.01 -29.09
N PRO A 344 2.82 -22.03 -28.19
CA PRO A 344 3.86 -22.17 -27.17
C PRO A 344 3.66 -23.36 -26.21
N PHE A 345 2.45 -23.90 -26.15
CA PHE A 345 2.13 -24.95 -25.19
C PHE A 345 2.07 -26.32 -25.85
N LEU A 346 1.71 -26.40 -27.12
CA LEU A 346 1.61 -27.69 -27.80
C LEU A 346 2.82 -28.00 -28.68
N ALA A 347 3.58 -26.96 -29.04
CA ALA A 347 4.71 -27.11 -29.94
C ALA A 347 6.04 -26.80 -29.26
N TYR A 348 6.34 -25.51 -29.14
CA TYR A 348 7.70 -25.05 -28.88
C TYR A 348 8.13 -25.17 -27.41
N GLY A 349 7.18 -25.04 -26.50
CA GLY A 349 7.45 -25.19 -25.06
C GLY A 349 7.81 -26.60 -24.65
N PRO A 350 6.97 -27.58 -25.00
CA PRO A 350 7.25 -29.01 -24.78
C PRO A 350 8.62 -29.44 -25.31
N ALA A 351 8.95 -28.97 -26.52
CA ALA A 351 10.23 -29.26 -27.14
C ALA A 351 11.38 -28.84 -26.25
N ILE A 352 11.34 -27.62 -25.74
CA ILE A 352 12.38 -27.16 -24.81
C ILE A 352 12.45 -28.03 -23.55
N GLU A 353 11.29 -28.40 -23.00
CA GLU A 353 11.30 -29.18 -21.76
C GLU A 353 11.72 -30.64 -21.97
N ASN A 354 11.38 -31.21 -23.12
CA ASN A 354 11.58 -32.64 -23.35
C ASN A 354 12.79 -33.03 -24.20
N LYS A 356 15.09 -30.18 -25.06
CA LYS A 356 16.06 -29.13 -24.73
C LYS A 356 16.64 -28.40 -25.93
N TRP A 357 15.75 -28.03 -26.84
CA TRP A 357 16.09 -27.23 -28.02
C TRP A 357 16.59 -25.85 -27.63
N ALA A 358 17.51 -25.33 -28.42
CA ALA A 358 17.89 -23.93 -28.30
C ALA A 358 16.71 -23.15 -28.84
N THR A 359 16.74 -21.82 -28.69
CA THR A 359 15.76 -20.95 -29.35
C THR A 359 16.08 -20.80 -30.83
N ASN A 360 17.12 -21.49 -31.30
CA ASN A 360 17.58 -21.44 -32.69
C ASN A 360 17.24 -22.67 -33.51
N HIS A 361 16.72 -23.71 -32.87
CA HIS A 361 16.44 -24.96 -33.57
C HIS A 361 15.89 -24.63 -34.95
N ALA A 362 16.62 -25.01 -35.99
CA ALA A 362 16.22 -24.75 -37.35
C ALA A 362 15.16 -25.76 -37.78
N ILE A 363 14.02 -25.27 -38.26
CA ILE A 363 13.00 -26.13 -38.86
C ILE A 363 12.79 -25.70 -40.28
N GLN A 364 12.43 -26.64 -41.14
CA GLN A 364 12.17 -26.34 -42.54
C GLN A 364 10.70 -26.01 -42.76
N ASP A 365 10.45 -24.79 -43.19
CA ASP A 365 9.12 -24.41 -43.67
C ASP A 365 8.91 -25.10 -45.01
N GLU A 366 7.66 -25.19 -45.46
CA GLU A 366 7.34 -25.85 -46.72
C GLU A 366 6.17 -25.18 -47.44
N SER A 367 5.95 -25.62 -48.67
CA SER A 367 4.82 -25.16 -49.47
C SER A 367 3.53 -25.52 -48.74
N SER A 368 3.36 -26.81 -48.47
CA SER A 368 2.28 -27.35 -47.66
C SER A 368 2.86 -28.49 -46.84
N TYR A 369 2.05 -29.17 -46.04
CA TYR A 369 2.50 -30.36 -45.32
C TYR A 369 1.38 -31.39 -45.17
N GLN A 370 1.77 -32.65 -44.95
CA GLN A 370 0.85 -33.78 -44.82
C GLN A 370 0.85 -34.33 -43.38
N VAL A 371 -0.21 -34.06 -42.63
CA VAL A 371 -0.41 -34.68 -41.32
C VAL A 371 -1.74 -35.44 -41.33
N ASP A 372 -1.66 -36.76 -41.36
CA ASP A 372 -2.81 -37.63 -41.64
C ASP A 372 -3.42 -37.21 -43.00
N GLY A 373 -4.67 -37.57 -43.28
CA GLY A 373 -5.29 -37.24 -44.56
C GLY A 373 -5.70 -35.79 -44.69
N SER A 374 -4.79 -34.88 -44.34
CA SER A 374 -5.09 -33.45 -44.23
C SER A 374 -3.95 -32.60 -44.80
N THR A 375 -4.29 -31.56 -45.55
CA THR A 375 -3.32 -30.68 -46.20
C THR A 375 -3.31 -29.31 -45.54
N PHE A 376 -2.16 -28.95 -44.98
CA PHE A 376 -2.04 -27.69 -44.23
C PHE A 376 -1.03 -26.74 -44.84
N ARG A 377 -1.36 -25.45 -44.79
CA ARG A 377 -0.54 -24.38 -45.36
C ARG A 377 -0.43 -23.21 -44.37
N ASN A 378 0.51 -22.29 -44.62
CA ASN A 378 0.68 -21.08 -43.81
C ASN A 378 -0.44 -20.07 -44.08
N TYR A 379 -0.46 -18.95 -43.36
CA TYR A 379 -1.46 -17.91 -43.61
C TYR A 379 -1.21 -17.24 -44.97
N ASP A 380 0.02 -16.78 -45.19
CA ASP A 380 0.39 -16.11 -46.44
C ASP A 380 0.44 -17.05 -47.66
N THR A 381 0.55 -18.36 -47.39
CA THR A 381 0.66 -19.43 -48.39
C THR A 381 2.09 -19.77 -48.74
N LYS A 382 2.89 -18.76 -49.10
CA LYS A 382 4.23 -19.00 -49.61
C LYS A 382 5.14 -19.48 -48.48
N SER A 383 6.12 -20.31 -48.84
CA SER A 383 7.06 -20.89 -47.89
C SER A 383 8.20 -19.93 -47.58
N HIS A 384 8.94 -20.22 -46.52
CA HIS A 384 10.06 -19.38 -46.06
C HIS A 384 11.37 -20.17 -45.83
N GLY A 385 11.40 -21.45 -46.19
CA GLY A 385 12.60 -22.27 -46.06
C GLY A 385 12.97 -22.56 -44.62
N THR A 386 14.27 -22.62 -44.35
CA THR A 386 14.78 -22.82 -42.99
C THR A 386 14.50 -21.58 -42.15
N VAL A 387 14.00 -21.78 -40.93
CA VAL A 387 13.82 -20.67 -39.99
C VAL A 387 14.09 -21.12 -38.56
N SER A 388 14.41 -20.15 -37.71
CA SER A 388 14.55 -20.37 -36.28
C SER A 388 13.18 -20.50 -35.64
N ILE A 389 13.08 -21.31 -34.59
CA ILE A 389 11.83 -21.43 -33.85
C ILE A 389 11.40 -20.08 -33.24
N TYR A 390 12.38 -19.26 -32.89
CA TYR A 390 12.16 -17.92 -32.36
C TYR A 390 11.32 -17.11 -33.30
N ASP A 391 11.76 -17.02 -34.56
CA ASP A 391 10.98 -16.36 -35.60
C ASP A 391 9.64 -17.09 -35.76
N ALA A 392 9.69 -18.38 -36.07
CA ALA A 392 8.49 -19.18 -36.28
C ALA A 392 7.40 -18.94 -35.24
N LEU A 393 7.81 -18.62 -34.01
CA LEU A 393 6.85 -18.38 -32.94
C LEU A 393 6.36 -16.94 -32.96
N ARG A 394 7.27 -15.98 -33.04
CA ARG A 394 6.90 -14.56 -32.96
C ARG A 394 6.19 -14.04 -34.20
N GLN A 395 6.31 -14.77 -35.32
CA GLN A 395 5.58 -14.49 -36.55
C GLN A 395 4.46 -15.51 -36.80
N SER A 396 4.37 -16.52 -35.94
CA SER A 396 3.26 -17.46 -35.93
C SER A 396 3.12 -18.24 -37.25
N PHE A 397 4.19 -18.92 -37.67
CA PHE A 397 4.15 -19.82 -38.82
C PHE A 397 3.45 -21.13 -38.43
N ASN A 398 2.66 -21.69 -39.35
CA ASN A 398 1.91 -22.92 -39.09
C ASN A 398 2.75 -24.18 -39.20
N ILE A 399 3.50 -24.31 -40.30
CA ILE A 399 4.24 -25.55 -40.56
C ILE A 399 5.24 -25.84 -39.42
N PRO A 400 6.26 -24.97 -39.21
CA PRO A 400 7.21 -25.21 -38.13
C PRO A 400 6.57 -25.66 -36.82
N ALA A 401 5.43 -25.06 -36.47
CA ALA A 401 4.66 -25.49 -35.31
C ALA A 401 4.32 -26.97 -35.43
N LEU A 402 3.59 -27.32 -36.48
CA LEU A 402 3.21 -28.72 -36.70
C LEU A 402 4.42 -29.63 -36.66
N LYS A 403 5.46 -29.25 -37.40
CA LYS A 403 6.71 -30.01 -37.46
C LYS A 403 7.21 -30.25 -36.03
N ALA A 404 7.37 -29.17 -35.28
CA ALA A 404 7.86 -29.22 -33.91
C ALA A 404 7.03 -30.18 -33.03
N TRP A 405 5.71 -30.07 -33.14
CA TRP A 405 4.79 -30.95 -32.42
C TRP A 405 4.96 -32.40 -32.86
N GLN A 406 5.24 -32.63 -34.14
CA GLN A 406 5.51 -34.00 -34.62
C GLN A 406 6.85 -34.52 -34.08
N SER A 407 7.84 -33.64 -33.97
CA SER A 407 9.12 -34.01 -33.36
C SER A 407 8.95 -34.41 -31.90
N VAL A 408 8.41 -33.48 -31.10
CA VAL A 408 8.04 -33.74 -29.70
C VAL A 408 7.34 -35.08 -29.53
N LYS A 409 6.27 -35.27 -30.29
CA LYS A 409 5.43 -36.48 -30.23
C LYS A 409 6.25 -37.76 -30.52
N GLN A 410 7.20 -37.63 -31.44
CA GLN A 410 8.05 -38.74 -31.88
C GLN A 410 9.16 -39.02 -30.85
N ASN A 411 9.95 -37.99 -30.53
CA ASN A 411 11.16 -38.12 -29.71
C ASN A 411 10.95 -37.82 -28.23
N ALA A 412 9.70 -37.74 -27.77
CA ALA A 412 9.39 -37.45 -26.36
C ALA A 412 8.16 -38.18 -25.83
N GLY A 413 7.17 -38.39 -26.69
CA GLY A 413 5.99 -39.18 -26.33
C GLY A 413 4.76 -38.81 -27.14
N ASN A 414 4.01 -39.83 -27.57
CA ASN A 414 2.80 -39.61 -28.36
C ASN A 414 1.79 -38.75 -27.58
N ASP A 415 1.79 -38.90 -26.26
CA ASP A 415 0.92 -38.12 -25.36
C ASP A 415 1.71 -37.05 -24.57
N ALA A 416 2.92 -36.71 -25.04
CA ALA A 416 3.76 -35.72 -24.36
C ALA A 416 3.23 -34.29 -24.47
N PRO A 417 2.69 -33.91 -25.64
CA PRO A 417 2.04 -32.61 -25.74
C PRO A 417 0.88 -32.48 -24.76
N LYS A 418 0.01 -33.48 -24.75
CA LYS A 418 -1.17 -33.45 -23.89
C LYS A 418 -0.80 -33.13 -22.45
N LYS A 419 0.28 -33.74 -21.96
CA LYS A 419 0.66 -33.57 -20.56
C LYS A 419 1.32 -32.23 -20.25
N PHE A 420 1.92 -31.59 -21.25
CA PHE A 420 2.40 -30.23 -21.05
C PHE A 420 1.21 -29.28 -20.93
N ALA A 421 0.25 -29.44 -21.86
CA ALA A 421 -0.94 -28.61 -21.90
C ALA A 421 -1.91 -28.92 -20.76
N ALA A 422 -1.92 -30.15 -20.26
CA ALA A 422 -2.84 -30.50 -19.18
C ALA A 422 -2.41 -29.88 -17.84
N LYS A 423 -1.12 -29.61 -17.72
CA LYS A 423 -0.58 -29.03 -16.49
C LYS A 423 -0.85 -27.52 -16.38
N LEU A 424 -1.27 -26.89 -17.47
CA LEU A 424 -1.59 -25.46 -17.46
C LEU A 424 -3.11 -25.22 -17.56
N GLY A 425 -3.92 -26.20 -17.16
CA GLY A 425 -5.37 -26.07 -17.22
C GLY A 425 -5.98 -26.30 -18.60
N LEU A 426 -5.18 -26.76 -19.55
CA LEU A 426 -5.68 -26.91 -20.91
C LEU A 426 -5.91 -28.37 -21.23
N ASN A 427 -7.11 -28.82 -20.90
CA ASN A 427 -7.48 -30.23 -20.96
C ASN A 427 -8.24 -30.61 -22.25
N TYR A 428 -7.82 -31.72 -22.86
CA TYR A 428 -8.47 -32.28 -24.05
C TYR A 428 -9.14 -33.63 -23.74
N GLU A 429 -10.40 -33.73 -24.12
CA GLU A 429 -11.24 -34.92 -23.92
C GLU A 429 -10.68 -36.09 -24.74
N GLY A 430 -10.48 -35.87 -26.03
CA GLY A 430 -9.98 -36.89 -26.93
C GLY A 430 -8.57 -36.59 -27.37
N ASP A 431 -8.24 -36.99 -28.60
CA ASP A 431 -6.88 -36.85 -29.13
C ASP A 431 -6.55 -35.43 -29.51
N ILE A 432 -5.26 -35.10 -29.43
CA ILE A 432 -4.78 -33.78 -29.85
C ILE A 432 -4.21 -33.90 -31.26
N GLY A 433 -5.10 -33.73 -32.24
CA GLY A 433 -4.73 -33.79 -33.65
C GLY A 433 -4.14 -32.50 -34.13
N PRO A 434 -3.79 -32.43 -35.43
CA PRO A 434 -3.16 -31.23 -35.97
C PRO A 434 -4.07 -30.00 -35.96
N SER A 435 -5.34 -30.20 -36.32
CA SER A 435 -6.34 -29.13 -36.22
C SER A 435 -6.18 -28.41 -34.87
N GLU A 436 -6.30 -29.17 -33.78
CA GLU A 436 -6.21 -28.57 -32.45
C GLU A 436 -4.82 -28.02 -32.07
N VAL A 437 -3.77 -28.45 -32.76
CA VAL A 437 -2.46 -27.81 -32.58
C VAL A 437 -2.53 -26.35 -33.01
N LEU A 438 -3.40 -26.07 -33.99
CA LEU A 438 -3.51 -24.74 -34.63
C LEU A 438 -4.74 -23.91 -34.23
N GLY A 439 -5.48 -24.34 -33.22
CA GLY A 439 -6.66 -23.61 -32.76
C GLY A 439 -7.99 -24.21 -33.19
N GLY A 440 -7.95 -25.27 -33.99
CA GLY A 440 -9.16 -25.87 -34.52
C GLY A 440 -9.88 -26.77 -33.55
N SER A 441 -11.09 -27.19 -33.94
CA SER A 441 -11.90 -28.16 -33.19
C SER A 441 -11.77 -28.03 -31.66
N ALA A 442 -11.33 -29.09 -30.98
CA ALA A 442 -11.40 -29.17 -29.51
C ALA A 442 -10.42 -28.24 -28.77
N SER A 443 -9.76 -27.37 -29.53
CA SER A 443 -8.85 -26.38 -28.99
C SER A 443 -9.63 -25.07 -28.70
N GLU A 444 -10.61 -25.15 -27.79
CA GLU A 444 -11.41 -24.00 -27.36
C GLU A 444 -11.22 -23.72 -25.88
N PHE A 445 -10.94 -22.46 -25.56
CA PHE A 445 -10.62 -22.07 -24.18
C PHE A 445 -10.95 -20.60 -23.91
N SER A 446 -11.29 -20.29 -22.66
CA SER A 446 -11.62 -18.91 -22.29
C SER A 446 -10.34 -18.08 -22.07
N PRO A 447 -10.43 -16.76 -22.28
CA PRO A 447 -9.32 -15.86 -22.00
C PRO A 447 -8.77 -16.03 -20.60
N THR A 448 -9.66 -16.24 -19.63
CA THR A 448 -9.24 -16.53 -18.26
C THR A 448 -8.37 -17.77 -18.23
N GLN A 449 -8.85 -18.82 -18.89
CA GLN A 449 -8.09 -20.07 -18.99
C GLN A 449 -6.67 -19.79 -19.51
N LEU A 450 -6.54 -18.98 -20.55
CA LEU A 450 -5.24 -18.76 -21.18
C LEU A 450 -4.36 -17.85 -20.34
N ALA A 451 -4.91 -16.73 -19.89
CA ALA A 451 -4.18 -15.85 -18.97
C ALA A 451 -3.39 -16.63 -17.89
N SER A 452 -4.04 -17.66 -17.31
CA SER A 452 -3.37 -18.53 -16.35
C SER A 452 -2.22 -19.21 -17.06
N ALA A 453 -2.56 -19.90 -18.16
CA ALA A 453 -1.58 -20.61 -18.98
C ALA A 453 -0.30 -19.80 -19.20
N PHE A 454 -0.45 -18.51 -19.52
CA PHE A 454 0.65 -17.63 -19.87
C PHE A 454 1.41 -17.07 -18.67
N ALA A 455 0.71 -16.79 -17.58
CA ALA A 455 1.37 -16.27 -16.37
C ALA A 455 2.42 -17.27 -15.88
N ALA A 456 2.14 -18.56 -16.08
CA ALA A 456 3.12 -19.64 -15.90
C ALA A 456 4.44 -19.32 -16.61
N ILE A 457 4.37 -18.82 -17.84
CA ILE A 457 5.56 -18.37 -18.57
C ILE A 457 6.14 -17.12 -17.92
N ALA A 458 5.23 -16.27 -17.42
CA ALA A 458 5.63 -15.01 -16.80
C ALA A 458 6.37 -15.16 -15.46
N ASN A 459 6.11 -16.25 -14.73
CA ASN A 459 6.43 -16.34 -13.31
C ASN A 459 7.29 -17.54 -12.90
N GLY A 460 8.14 -17.99 -13.82
CA GLY A 460 9.08 -19.07 -13.53
C GLY A 460 8.56 -20.46 -13.87
N GLY A 461 7.32 -20.55 -14.32
CA GLY A 461 6.74 -21.83 -14.77
C GLY A 461 5.75 -22.43 -13.81
N THR A 462 5.07 -21.57 -13.05
CA THR A 462 4.21 -22.01 -11.97
C THR A 462 2.76 -21.56 -12.25
N TYR A 463 1.89 -22.54 -12.54
CA TYR A 463 0.49 -22.34 -12.96
C TYR A 463 -0.43 -22.07 -11.78
N ASN A 464 -1.43 -21.18 -11.95
CA ASN A 464 -2.39 -20.84 -10.88
C ASN A 464 -3.81 -20.59 -11.36
N ASN A 465 -4.62 -21.65 -11.40
CA ASN A 465 -6.05 -21.55 -11.68
C ASN A 465 -6.59 -20.20 -11.25
N ALA A 466 -6.92 -19.32 -12.17
CA ALA A 466 -7.36 -17.94 -11.81
C ALA A 466 -8.34 -17.91 -10.62
N HIS A 467 -7.93 -17.25 -9.55
CA HIS A 467 -8.76 -17.12 -8.35
C HIS A 467 -9.09 -15.66 -8.13
N SER A 468 -10.13 -15.41 -7.36
CA SER A 468 -10.78 -14.09 -7.35
C SER A 468 -11.18 -13.72 -5.97
N ILE A 469 -11.48 -14.73 -5.12
CA ILE A 469 -11.87 -14.54 -3.73
C ILE A 469 -10.64 -14.79 -2.75
N GLN A 470 -10.32 -13.80 -1.91
CA GLN A 470 -9.25 -13.99 -0.90
C GLN A 470 -9.83 -14.81 0.23
N LYS A 471 -11.05 -14.44 0.61
CA LYS A 471 -11.76 -15.03 1.74
C LYS A 471 -13.20 -14.50 1.80
N VAL A 472 -14.06 -15.10 2.61
CA VAL A 472 -15.34 -14.47 2.89
C VAL A 472 -15.61 -14.51 4.39
N VAL A 473 -16.22 -13.45 4.92
CA VAL A 473 -16.53 -13.38 6.33
C VAL A 473 -18.04 -13.31 6.53
N THR A 474 -18.59 -14.26 7.26
CA THR A 474 -20.02 -14.40 7.38
C THR A 474 -20.47 -13.66 8.62
N ARG A 475 -21.70 -13.15 8.58
CA ARG A 475 -22.26 -12.33 9.67
C ARG A 475 -22.29 -13.06 11.00
N ASP A 476 -22.43 -14.38 10.96
CA ASP A 476 -22.50 -15.19 12.18
C ASP A 476 -21.14 -15.40 12.85
N GLY A 477 -20.06 -14.99 12.20
CA GLY A 477 -18.76 -14.91 12.84
C GLY A 477 -17.66 -15.82 12.31
N GLU A 478 -17.99 -16.55 11.24
CA GLU A 478 -17.06 -17.52 10.68
C GLU A 478 -16.53 -16.91 9.43
N THR A 479 -15.33 -17.33 9.06
CA THR A 479 -14.60 -16.64 8.01
C THR A 479 -13.70 -17.65 7.34
N ILE A 480 -13.95 -17.87 6.06
CA ILE A 480 -13.41 -18.98 5.29
C ILE A 480 -12.36 -18.47 4.32
N GLU A 481 -11.12 -18.91 4.47
CA GLU A 481 -10.08 -18.54 3.52
C GLU A 481 -10.17 -19.53 2.37
N TYR A 482 -10.18 -19.00 1.15
CA TYR A 482 -10.28 -19.81 -0.06
C TYR A 482 -8.88 -20.11 -0.52
N ASP A 483 -8.71 -21.20 -1.27
CA ASP A 483 -7.43 -21.49 -1.92
C ASP A 483 -7.63 -21.83 -3.38
N HIS A 484 -6.53 -21.85 -4.12
CA HIS A 484 -6.56 -22.07 -5.56
C HIS A 484 -5.53 -23.13 -5.95
N THR A 485 -5.86 -23.94 -6.95
CA THR A 485 -5.05 -25.10 -7.27
C THR A 485 -3.76 -24.66 -7.93
N SER A 486 -2.72 -24.44 -7.12
CA SER A 486 -1.39 -24.01 -7.63
C SER A 486 -0.50 -25.24 -7.85
N HIS A 487 0.33 -25.22 -8.89
CA HIS A 487 1.30 -26.30 -9.12
C HIS A 487 2.31 -25.98 -10.23
N LYS A 488 3.57 -26.31 -9.96
CA LYS A 488 4.68 -26.12 -10.90
C LYS A 488 4.40 -26.86 -12.21
N ALA A 489 4.39 -26.12 -13.33
CA ALA A 489 3.94 -26.64 -14.64
C ALA A 489 5.06 -26.88 -15.64
N SER A 491 9.72 -26.52 -16.08
CA SER A 491 11.01 -26.15 -15.50
C SER A 491 11.36 -24.70 -15.87
N ASP A 492 12.18 -24.07 -15.05
CA ASP A 492 12.44 -22.63 -15.13
C ASP A 492 12.97 -22.18 -16.49
N TYR A 493 13.84 -23.00 -17.07
CA TYR A 493 14.43 -22.66 -18.35
C TYR A 493 13.35 -22.56 -19.44
N THR A 494 12.46 -23.54 -19.51
CA THR A 494 11.36 -23.52 -20.46
C THR A 494 10.49 -22.29 -20.28
N ALA A 495 10.19 -21.94 -19.03
CA ALA A 495 9.40 -20.74 -18.75
C ALA A 495 10.16 -19.47 -19.12
N TYR A 496 11.48 -19.47 -18.97
CA TYR A 496 12.29 -18.28 -19.23
C TYR A 496 12.49 -18.03 -20.73
N LEU A 498 10.72 -19.32 -23.42
CA LEU A 498 9.43 -18.93 -23.97
C LEU A 498 9.12 -17.47 -23.66
N ALA A 499 9.48 -17.02 -22.46
CA ALA A 499 9.23 -15.65 -22.09
C ALA A 499 10.03 -14.70 -22.97
N GLU A 500 11.35 -14.90 -23.02
CA GLU A 500 12.23 -14.02 -23.80
C GLU A 500 11.99 -14.14 -25.30
N LEU A 502 9.16 -14.68 -26.61
CA LEU A 502 7.87 -14.02 -26.98
C LEU A 502 7.87 -12.50 -26.86
N LYS A 503 8.91 -11.92 -26.28
CA LYS A 503 9.13 -10.48 -26.36
C LYS A 503 9.40 -10.10 -27.80
N GLY A 504 9.77 -11.10 -28.59
CA GLY A 504 9.99 -10.93 -30.01
C GLY A 504 8.73 -10.69 -30.81
N THR A 505 7.58 -10.94 -30.22
CA THR A 505 6.31 -10.67 -30.87
C THR A 505 6.13 -9.16 -31.06
N PHE A 506 6.66 -8.36 -30.14
CA PHE A 506 6.58 -6.90 -30.23
C PHE A 506 7.68 -6.27 -31.08
N LYS A 507 8.69 -7.07 -31.45
CA LYS A 507 9.78 -6.59 -32.30
C LYS A 507 9.34 -6.46 -33.78
N PRO A 508 10.11 -5.71 -34.59
CA PRO A 508 9.84 -5.60 -36.02
C PRO A 508 9.63 -6.96 -36.67
N TYR A 509 8.61 -7.04 -37.54
CA TYR A 509 8.16 -8.31 -38.14
C TYR A 509 7.30 -9.16 -37.19
N GLY A 510 7.37 -8.89 -35.89
CA GLY A 510 6.59 -9.67 -34.92
C GLY A 510 5.11 -9.49 -35.18
N SER A 511 4.32 -10.50 -34.84
CA SER A 511 2.89 -10.48 -35.14
C SER A 511 2.14 -9.41 -34.35
N ALA A 512 2.78 -8.76 -33.38
CA ALA A 512 2.12 -7.66 -32.65
C ALA A 512 2.93 -6.37 -32.60
N TYR A 513 3.82 -6.17 -33.58
CA TYR A 513 4.65 -4.97 -33.63
C TYR A 513 3.83 -3.66 -33.62
N GLY A 514 4.33 -2.65 -32.91
CA GLY A 514 3.69 -1.34 -32.85
C GLY A 514 2.83 -1.17 -31.63
N HIS A 515 2.64 -2.28 -30.89
CA HIS A 515 1.78 -2.28 -29.73
C HIS A 515 2.50 -2.68 -28.43
N GLY A 516 3.83 -2.77 -28.47
CA GLY A 516 4.62 -2.91 -27.26
C GLY A 516 4.51 -1.68 -26.37
N VAL A 517 4.85 -1.81 -25.10
CA VAL A 517 4.88 -0.66 -24.19
C VAL A 517 6.35 -0.36 -23.78
N SER A 518 6.60 0.89 -23.41
CA SER A 518 7.91 1.52 -23.56
C SER A 518 9.01 1.12 -22.56
N GLY A 519 8.79 1.39 -21.27
CA GLY A 519 9.76 1.04 -20.24
C GLY A 519 9.55 -0.35 -19.65
N VAL A 520 8.64 -1.11 -20.26
CA VAL A 520 8.08 -2.31 -19.68
C VAL A 520 8.46 -3.56 -20.48
N ASN A 521 8.88 -4.59 -19.77
CA ASN A 521 9.33 -5.81 -20.41
C ASN A 521 8.15 -6.75 -20.55
N GLY A 523 5.96 -9.83 -23.26
CA GLY A 523 5.90 -10.72 -24.41
C GLY A 523 4.46 -11.08 -24.68
N ALA A 524 4.18 -11.55 -25.89
CA ALA A 524 2.84 -11.98 -26.24
C ALA A 524 2.84 -13.01 -27.37
N LYS A 525 1.76 -13.78 -27.46
CA LYS A 525 1.49 -14.59 -28.64
C LYS A 525 0.15 -14.09 -29.07
N THR A 526 0.02 -13.73 -30.34
CA THR A 526 -1.25 -13.27 -30.81
C THR A 526 -2.02 -14.52 -31.21
N GLY A 527 -3.17 -14.33 -31.85
CA GLY A 527 -4.02 -15.46 -32.25
C GLY A 527 -4.88 -15.08 -33.43
N THR A 528 -5.06 -15.99 -34.37
CA THR A 528 -5.94 -15.71 -35.48
C THR A 528 -6.61 -17.00 -35.91
N GLY A 529 -7.80 -17.23 -35.36
CA GLY A 529 -8.65 -18.35 -35.75
C GLY A 529 -9.36 -18.07 -37.07
N THR A 530 -9.54 -19.12 -37.86
CA THR A 530 -10.13 -19.02 -39.17
C THR A 530 -11.34 -19.92 -39.19
N TYR A 531 -12.14 -19.84 -40.24
CA TYR A 531 -13.35 -20.64 -40.31
C TYR A 531 -13.03 -21.99 -40.91
N GLY A 532 -14.04 -22.86 -40.93
CA GLY A 532 -13.95 -24.13 -41.62
C GLY A 532 -13.86 -23.89 -43.10
N ALA A 533 -13.27 -24.85 -43.81
CA ALA A 533 -13.17 -24.78 -45.27
C ALA A 533 -14.53 -24.53 -45.92
N GLU A 534 -15.57 -25.20 -45.42
CA GLU A 534 -16.93 -25.06 -45.95
C GLU A 534 -17.41 -23.60 -45.84
N THR A 535 -17.12 -22.98 -44.73
CA THR A 535 -17.68 -21.66 -44.41
C THR A 535 -17.23 -20.54 -45.37
N TYR A 536 -15.98 -20.58 -45.77
CA TYR A 536 -15.44 -19.56 -46.68
C TYR A 536 -16.35 -19.34 -47.89
N SER A 537 -16.69 -20.40 -48.62
CA SER A 537 -17.61 -20.29 -49.77
C SER A 537 -19.05 -19.97 -49.33
N GLN A 538 -19.58 -20.78 -48.41
CA GLN A 538 -20.99 -20.65 -47.94
C GLN A 538 -21.44 -19.21 -47.63
N TYR A 539 -20.52 -18.41 -47.12
CA TYR A 539 -20.79 -17.02 -46.75
C TYR A 539 -19.99 -16.01 -47.58
N ASN A 540 -19.37 -16.46 -48.66
CA ASN A 540 -18.54 -15.63 -49.55
C ASN A 540 -17.47 -14.80 -48.84
N LEU A 541 -16.88 -15.40 -47.81
CA LEU A 541 -15.89 -14.74 -46.95
C LEU A 541 -14.59 -14.64 -47.69
N PRO A 542 -13.96 -13.47 -47.71
CA PRO A 542 -12.70 -13.37 -48.43
C PRO A 542 -11.65 -14.25 -47.77
N ASP A 543 -10.64 -14.65 -48.55
CA ASP A 543 -9.59 -15.54 -48.06
C ASP A 543 -9.02 -15.07 -46.71
N ASN A 544 -8.81 -13.76 -46.59
CA ASN A 544 -8.16 -13.20 -45.41
C ASN A 544 -9.15 -12.73 -44.31
N ALA A 545 -10.20 -13.51 -44.07
CA ALA A 545 -11.16 -13.25 -42.98
C ALA A 545 -10.92 -14.22 -41.82
N ALA A 546 -10.99 -13.70 -40.60
CA ALA A 546 -10.76 -14.49 -39.41
C ALA A 546 -11.96 -14.41 -38.47
N LYS A 547 -12.21 -15.52 -37.78
CA LYS A 547 -13.37 -15.65 -36.90
C LYS A 547 -13.05 -15.17 -35.51
N ASP A 548 -11.86 -15.51 -35.02
CA ASP A 548 -11.43 -15.21 -33.67
C ASP A 548 -10.08 -14.56 -33.71
N VAL A 549 -9.92 -13.43 -33.02
CA VAL A 549 -8.59 -12.84 -32.83
C VAL A 549 -8.23 -12.69 -31.33
N TRP A 550 -6.98 -12.96 -30.99
CA TRP A 550 -6.52 -12.83 -29.60
C TRP A 550 -5.26 -12.03 -29.56
N ILE A 551 -4.99 -11.45 -28.40
CA ILE A 551 -3.64 -11.23 -27.99
C ILE A 551 -3.57 -11.75 -26.56
N ASN A 552 -2.50 -12.50 -26.27
CA ASN A 552 -2.22 -12.94 -24.91
C ASN A 552 -0.89 -12.41 -24.49
N GLY A 553 -0.88 -11.36 -23.69
CA GLY A 553 0.38 -10.72 -23.30
C GLY A 553 0.65 -10.77 -21.82
N PHE A 554 1.91 -10.61 -21.44
CA PHE A 554 2.30 -10.69 -20.03
C PHE A 554 3.58 -9.95 -19.73
N THR A 555 3.57 -9.18 -18.64
CA THR A 555 4.78 -8.65 -18.03
C THR A 555 5.06 -9.48 -16.79
N PRO A 556 6.13 -9.18 -16.03
CA PRO A 556 6.34 -9.90 -14.78
C PRO A 556 5.34 -9.49 -13.70
N GLN A 557 4.66 -8.36 -13.91
CA GLN A 557 3.60 -7.90 -13.03
C GLN A 557 2.25 -8.53 -13.39
N TYR A 558 1.84 -8.36 -14.64
CA TYR A 558 0.46 -8.64 -15.07
C TYR A 558 0.40 -9.54 -16.29
N THR A 559 -0.65 -10.34 -16.38
CA THR A 559 -0.87 -11.15 -17.57
C THR A 559 -2.26 -10.85 -18.07
N SER A 561 -5.18 -11.38 -21.24
CA SER A 561 -5.59 -12.15 -22.38
C SER A 561 -6.87 -11.56 -22.92
N VAL A 562 -6.81 -11.05 -24.15
CA VAL A 562 -7.96 -10.46 -24.79
C VAL A 562 -8.38 -11.36 -25.92
N TRP A 563 -9.69 -11.60 -26.02
CA TRP A 563 -10.30 -12.25 -27.18
C TRP A 563 -11.33 -11.33 -27.75
N GLY A 565 -14.29 -11.47 -31.23
CA GLY A 565 -14.98 -12.37 -32.16
C GLY A 565 -16.38 -11.84 -32.35
N PHE A 566 -17.18 -12.56 -33.12
CA PHE A 566 -18.51 -12.12 -33.44
C PHE A 566 -19.54 -13.16 -33.07
N SER A 567 -20.70 -12.67 -32.62
CA SER A 567 -21.90 -13.49 -32.32
C SER A 567 -22.21 -14.52 -33.40
N LYS A 568 -22.20 -14.08 -34.64
CA LYS A 568 -22.62 -14.93 -35.75
C LYS A 568 -22.12 -14.42 -37.10
N VAL A 569 -21.76 -15.36 -37.97
CA VAL A 569 -21.10 -15.06 -39.24
C VAL A 569 -22.09 -14.53 -40.26
N LYS A 570 -21.67 -13.50 -40.99
CA LYS A 570 -22.50 -12.88 -42.04
C LYS A 570 -21.75 -12.98 -43.35
N GLN A 571 -22.34 -12.39 -44.38
CA GLN A 571 -21.88 -12.52 -45.74
C GLN A 571 -20.70 -11.58 -45.99
N TYR A 572 -19.76 -12.01 -46.81
CA TYR A 572 -18.65 -11.15 -47.25
C TYR A 572 -17.86 -10.53 -46.12
N GLY A 573 -17.87 -11.16 -44.96
CA GLY A 573 -17.04 -10.72 -43.85
C GLY A 573 -17.58 -9.62 -42.94
N GLU A 574 -18.84 -9.22 -43.05
CA GLU A 574 -19.32 -8.14 -42.19
C GLU A 574 -18.99 -8.41 -40.73
N ASN A 575 -19.25 -9.63 -40.28
CA ASN A 575 -18.93 -10.06 -38.92
C ASN A 575 -17.74 -11.01 -38.98
N SER A 576 -16.71 -10.57 -39.68
CA SER A 576 -15.39 -11.17 -39.58
C SER A 576 -14.31 -10.09 -39.39
N PHE A 577 -13.07 -10.54 -39.22
CA PHE A 577 -11.92 -9.65 -39.15
C PHE A 577 -11.14 -9.75 -40.47
N VAL A 578 -11.43 -8.85 -41.38
CA VAL A 578 -10.84 -8.94 -42.71
C VAL A 578 -9.59 -8.07 -42.77
N GLY A 579 -8.45 -8.73 -42.97
CA GLY A 579 -7.18 -8.04 -43.08
C GLY A 579 -6.49 -7.72 -41.76
N HIS A 580 -5.22 -7.34 -41.87
CA HIS A 580 -4.39 -6.98 -40.74
C HIS A 580 -5.04 -5.83 -39.96
N SER A 581 -5.64 -4.89 -40.66
CA SER A 581 -6.20 -3.72 -40.00
C SER A 581 -7.40 -4.04 -39.09
N GLN A 582 -8.10 -5.15 -39.36
CA GLN A 582 -9.26 -5.56 -38.57
C GLN A 582 -8.87 -6.67 -37.60
N GLN A 583 -7.87 -7.45 -37.97
CA GLN A 583 -7.35 -8.51 -37.12
C GLN A 583 -6.50 -7.96 -35.99
N GLU A 584 -6.11 -6.71 -36.11
CA GLU A 584 -5.26 -6.02 -35.16
C GLU A 584 -6.02 -5.51 -33.92
N TYR A 585 -7.37 -5.51 -33.96
CA TYR A 585 -8.17 -4.83 -32.93
C TYR A 585 -7.81 -5.10 -31.47
N PRO A 586 -7.64 -6.38 -31.09
CA PRO A 586 -7.36 -6.70 -29.69
C PRO A 586 -6.07 -6.10 -29.12
N GLN A 587 -5.12 -5.81 -30.00
CA GLN A 587 -3.87 -5.22 -29.61
C GLN A 587 -4.08 -3.79 -29.18
N PHE A 588 -5.04 -3.12 -29.79
CA PHE A 588 -5.37 -1.77 -29.39
C PHE A 588 -5.88 -1.78 -27.94
N LEU A 589 -6.76 -2.73 -27.61
CA LEU A 589 -7.31 -2.78 -26.26
C LEU A 589 -6.20 -3.13 -25.26
N TYR A 590 -5.35 -4.06 -25.65
CA TYR A 590 -4.21 -4.50 -24.87
C TYR A 590 -3.22 -3.38 -24.57
N GLU A 591 -2.79 -2.68 -25.61
CA GLU A 591 -1.81 -1.62 -25.42
C GLU A 591 -2.38 -0.47 -24.61
N ASN A 592 -3.64 -0.17 -24.80
CA ASN A 592 -4.24 0.95 -24.10
C ASN A 592 -4.26 0.74 -22.58
N VAL A 593 -4.45 -0.51 -22.17
CA VAL A 593 -4.67 -0.87 -20.77
C VAL A 593 -3.33 -1.11 -20.10
N SER A 595 -0.60 -0.19 -21.06
CA SER A 595 0.12 1.08 -21.01
C SER A 595 -0.22 1.84 -19.76
N LYS A 596 -1.52 1.93 -19.45
CA LYS A 596 -1.93 2.73 -18.30
C LYS A 596 -1.52 2.13 -16.96
N ILE A 597 -1.60 0.81 -16.86
CA ILE A 597 -1.59 0.14 -15.57
C ILE A 597 -0.25 -0.46 -15.18
N SER A 598 0.69 -0.54 -16.11
CA SER A 598 2.03 -1.06 -15.79
C SER A 598 2.88 0.03 -15.13
N SER A 599 3.80 -0.40 -14.25
CA SER A 599 4.80 0.52 -13.68
C SER A 599 6.09 0.41 -14.49
N ARG A 600 6.85 1.49 -14.54
CA ARG A 600 8.14 1.50 -15.22
C ARG A 600 9.28 1.37 -14.22
N ASP A 601 9.15 0.43 -13.30
CA ASP A 601 10.20 0.12 -12.34
C ASP A 601 11.34 -0.64 -13.02
N GLY A 602 11.01 -1.48 -13.99
CA GLY A 602 12.01 -2.17 -14.80
C GLY A 602 12.06 -3.67 -14.62
N GLU A 603 11.29 -4.21 -13.70
CA GLU A 603 11.33 -5.65 -13.42
C GLU A 603 11.19 -6.47 -14.70
N ASP A 604 12.07 -7.45 -14.89
CA ASP A 604 12.07 -8.33 -16.07
C ASP A 604 11.69 -9.74 -15.64
N PHE A 605 11.86 -10.71 -16.53
CA PHE A 605 11.59 -12.11 -16.22
C PHE A 605 12.83 -12.74 -15.59
N LYS A 606 12.65 -13.28 -14.39
CA LYS A 606 13.75 -13.84 -13.60
C LYS A 606 14.50 -14.92 -14.37
N ARG A 607 15.80 -14.73 -14.52
CA ARG A 607 16.65 -15.63 -15.30
C ARG A 607 17.28 -16.71 -14.42
N PRO A 608 17.18 -17.99 -14.83
CA PRO A 608 17.78 -19.07 -14.05
C PRO A 608 19.24 -19.32 -14.43
N SER A 609 19.93 -20.16 -13.66
CA SER A 609 21.28 -20.56 -14.04
C SER A 609 21.25 -21.66 -15.10
N SER A 610 20.12 -22.37 -15.20
CA SER A 610 19.97 -23.52 -16.10
C SER A 610 19.87 -23.17 -17.59
N VAL A 611 19.61 -21.90 -17.89
CA VAL A 611 19.61 -21.41 -19.28
C VAL A 611 21.00 -20.87 -19.60
N SER A 612 21.29 -20.78 -20.90
CA SER A 612 22.59 -20.36 -21.38
C SER A 612 22.44 -19.64 -22.71
N GLY A 613 23.18 -18.54 -22.90
CA GLY A 613 23.14 -17.76 -24.15
C GLY A 613 22.33 -16.47 -24.05
N SER A 614 21.90 -15.96 -25.21
CA SER A 614 21.15 -14.70 -25.26
C SER A 614 20.35 -14.56 -26.56
N ILE A 615 19.13 -14.00 -26.46
CA ILE A 615 18.21 -13.88 -27.60
C ILE A 615 18.89 -13.31 -28.86
N PRO A 616 18.72 -13.95 -30.03
CA PRO A 616 17.86 -15.10 -30.35
C PRO A 616 18.42 -16.48 -29.98
N SER A 617 19.60 -16.53 -29.38
CA SER A 617 20.29 -17.79 -29.12
C SER A 617 20.40 -18.14 -27.63
N ILE A 618 19.35 -18.75 -27.09
CA ILE A 618 19.40 -19.32 -25.75
C ILE A 618 19.30 -20.83 -25.88
N ASN A 619 20.07 -21.57 -25.10
CA ASN A 619 19.92 -23.02 -25.04
C ASN A 619 20.07 -23.57 -23.64
N VAL A 620 19.63 -24.82 -23.47
CA VAL A 620 19.61 -25.43 -22.16
C VAL A 620 21.05 -25.69 -21.74
N SER A 621 21.44 -25.09 -20.62
CA SER A 621 22.80 -25.19 -20.11
C SER A 621 23.06 -26.65 -19.75
N GLY A 622 24.12 -27.21 -20.33
CA GLY A 622 24.50 -28.62 -20.11
C GLY A 622 24.07 -29.55 -21.24
N SER A 623 23.20 -29.06 -22.11
CA SER A 623 22.62 -29.86 -23.20
C SER A 623 22.37 -28.96 -24.40
N GLN A 624 23.40 -28.79 -25.22
CA GLN A 624 23.31 -27.92 -26.41
C GLN A 624 22.69 -28.62 -27.61
N ASP A 625 22.30 -27.82 -28.61
CA ASP A 625 21.60 -28.31 -29.79
C ASP A 625 22.43 -28.11 -31.05
N ASN A 626 22.53 -29.16 -31.87
CA ASN A 626 23.29 -29.11 -33.12
C ASN A 626 22.59 -28.36 -34.25
N ASN A 627 21.27 -28.20 -34.16
CA ASN A 627 20.47 -27.72 -35.29
C ASN A 627 20.16 -26.21 -35.31
N THR A 628 21.00 -25.39 -34.68
CA THR A 628 20.79 -23.94 -34.63
C THR A 628 21.12 -23.25 -35.98
N THR A 629 20.52 -22.08 -36.19
CA THR A 629 20.79 -21.24 -37.37
C THR A 629 20.86 -19.76 -36.97
N ASN A 630 21.76 -19.01 -37.64
CA ASN A 630 21.86 -17.56 -37.43
C ASN A 630 21.06 -16.81 -38.47
N ARG A 631 19.90 -17.36 -38.81
CA ARG A 631 19.13 -16.94 -39.97
C ARG A 631 17.96 -16.04 -39.56
N SER A 632 18.05 -14.76 -39.94
CA SER A 632 17.06 -13.74 -39.56
C SER A 632 15.73 -13.87 -40.33
N THR A 633 14.85 -12.88 -40.16
CA THR A 633 13.49 -12.91 -40.71
C THR A 633 13.41 -12.53 -42.18
N HIS A 634 13.65 -11.26 -42.49
CA HIS A 634 13.54 -10.72 -43.85
C HIS A 634 14.74 -9.83 -44.17
N ALA B 9 28.24 11.30 -19.44
CA ALA B 9 29.47 11.98 -18.91
C ALA B 9 29.63 11.78 -17.40
N LYS B 10 29.24 10.60 -16.90
CA LYS B 10 29.35 10.28 -15.45
C LYS B 10 30.31 9.11 -15.16
N LEU B 11 31.60 9.44 -15.05
CA LEU B 11 32.64 8.52 -14.57
C LEU B 11 32.65 8.48 -13.06
N GLN B 12 32.20 9.57 -12.46
CA GLN B 12 32.30 9.80 -11.01
C GLN B 12 31.80 8.62 -10.21
N ASP B 13 32.64 8.18 -9.28
CA ASP B 13 32.32 7.14 -8.32
C ASP B 13 31.47 7.80 -7.25
N PRO B 14 30.23 7.34 -7.04
CA PRO B 14 29.41 8.03 -6.06
C PRO B 14 30.05 7.96 -4.68
N ILE B 15 29.95 9.05 -3.93
CA ILE B 15 30.55 9.15 -2.62
C ILE B 15 29.42 9.48 -1.65
N PRO B 16 29.22 8.62 -0.64
CA PRO B 16 27.98 8.61 0.14
C PRO B 16 27.97 9.56 1.34
N ALA B 17 26.78 9.90 1.80
CA ALA B 17 26.64 10.90 2.86
C ALA B 17 27.12 10.38 4.21
N LYS B 18 27.88 11.20 4.93
CA LYS B 18 28.29 10.86 6.29
C LYS B 18 27.55 11.74 7.28
N ILE B 19 26.98 11.11 8.32
CA ILE B 19 26.34 11.84 9.42
C ILE B 19 27.15 11.80 10.70
N TYR B 20 27.17 12.92 11.40
CA TYR B 20 27.90 13.04 12.65
C TYR B 20 26.95 13.48 13.76
N ASP B 21 27.11 12.87 14.91
CA ASP B 21 26.38 13.27 16.11
C ASP B 21 26.94 14.58 16.65
N LYS B 22 26.43 14.99 17.82
CA LYS B 22 26.74 16.30 18.44
C LYS B 22 28.21 16.51 18.76
N ASN B 23 28.93 15.40 18.93
CA ASN B 23 30.35 15.41 19.21
C ASN B 23 31.17 15.56 17.94
N GLY B 24 30.49 15.51 16.79
CA GLY B 24 31.15 15.54 15.48
C GLY B 24 31.76 14.20 15.10
N GLU B 25 31.42 13.16 15.85
CA GLU B 25 31.97 11.82 15.67
C GLU B 25 31.09 11.11 14.65
N LEU B 26 31.71 10.51 13.64
CA LEU B 26 31.00 9.80 12.58
C LEU B 26 30.15 8.72 13.19
N VAL B 27 28.93 8.58 12.70
CA VAL B 27 27.95 7.75 13.37
C VAL B 27 27.19 6.82 12.40
N LYS B 28 26.81 7.33 11.24
CA LYS B 28 26.24 6.51 10.17
C LYS B 28 26.79 7.02 8.83
N THR B 29 27.12 6.10 7.93
CA THR B 29 27.61 6.44 6.60
C THR B 29 26.61 5.85 5.62
N LEU B 30 25.88 6.69 4.87
CA LEU B 30 24.73 6.24 4.07
C LEU B 30 25.12 5.46 2.81
N ASP B 31 25.78 4.33 3.02
CA ASP B 31 26.32 3.50 1.93
C ASP B 31 25.53 2.23 1.70
N ASN B 32 24.44 2.04 2.45
CA ASN B 32 23.60 0.84 2.34
C ASN B 32 24.40 -0.44 2.59
N GLY B 33 25.40 -0.32 3.46
CA GLY B 33 26.25 -1.44 3.83
C GLY B 33 27.06 -2.04 2.71
N GLN B 34 27.12 -1.33 1.59
CA GLN B 34 27.64 -1.90 0.37
C GLN B 34 29.13 -2.11 0.50
N ARG B 35 29.65 -3.11 -0.19
CA ARG B 35 31.07 -3.43 -0.10
C ARG B 35 31.79 -2.56 -1.09
N HIS B 36 31.87 -1.27 -0.73
CA HIS B 36 32.49 -0.23 -1.55
C HIS B 36 32.91 0.93 -0.69
N GLU B 37 34.12 1.41 -0.93
CA GLU B 37 34.64 2.58 -0.25
C GLU B 37 35.44 3.35 -1.26
N HIS B 38 35.06 4.60 -1.51
CA HIS B 38 35.83 5.43 -2.43
C HIS B 38 37.21 5.70 -1.87
N VAL B 39 38.23 5.63 -2.72
CA VAL B 39 39.60 6.02 -2.34
C VAL B 39 40.18 6.95 -3.41
N ASN B 40 40.74 8.09 -3.00
CA ASN B 40 41.47 8.97 -3.92
C ASN B 40 42.78 8.31 -4.29
N LEU B 41 43.32 8.62 -5.47
CA LEU B 41 44.51 7.90 -6.00
C LEU B 41 45.78 8.11 -5.16
N LYS B 42 45.96 9.33 -4.63
CA LYS B 42 47.13 9.66 -3.82
C LYS B 42 47.18 8.83 -2.53
N ASP B 43 45.99 8.51 -1.99
CA ASP B 43 45.88 7.64 -0.80
C ASP B 43 46.09 6.13 -1.09
N VAL B 44 46.28 5.74 -2.35
CA VAL B 44 46.62 4.35 -2.65
C VAL B 44 48.14 4.23 -2.65
N PRO B 45 48.69 3.21 -1.95
CA PRO B 45 50.13 3.05 -1.85
C PRO B 45 50.80 2.68 -3.16
N LYS B 46 52.00 3.23 -3.37
CA LYS B 46 52.80 3.04 -4.59
C LYS B 46 52.90 1.58 -4.99
N SER B 47 53.19 0.72 -4.01
CA SER B 47 53.26 -0.71 -4.24
C SER B 47 51.98 -1.22 -4.87
N LYS B 49 49.55 0.54 -6.52
CA LYS B 49 49.42 1.08 -7.87
C LYS B 49 50.26 0.22 -8.80
N ASP B 50 51.48 -0.08 -8.40
CA ASP B 50 52.36 -0.92 -9.24
C ASP B 50 51.70 -2.25 -9.60
N ALA B 51 51.38 -3.05 -8.60
CA ALA B 51 50.84 -4.38 -8.83
C ALA B 51 49.71 -4.35 -9.87
N VAL B 52 48.88 -3.29 -9.85
CA VAL B 52 47.87 -3.12 -10.90
C VAL B 52 48.52 -2.85 -12.26
N LEU B 53 49.23 -1.75 -12.39
CA LEU B 53 49.92 -1.44 -13.66
C LEU B 53 50.72 -2.64 -14.19
N ALA B 54 51.57 -3.21 -13.36
CA ALA B 54 52.37 -4.36 -13.78
C ALA B 54 51.47 -5.42 -14.37
N THR B 55 50.33 -5.63 -13.75
CA THR B 55 49.43 -6.71 -14.12
C THR B 55 48.55 -6.41 -15.33
N GLU B 56 48.19 -5.13 -15.49
CA GLU B 56 47.14 -4.75 -16.43
C GLU B 56 47.62 -3.82 -17.54
N ASP B 57 48.32 -2.74 -17.20
CA ASP B 57 48.91 -1.87 -18.23
C ASP B 57 50.20 -1.22 -17.74
N ASN B 58 51.34 -1.93 -17.82
CA ASN B 58 52.58 -1.39 -17.25
C ASN B 58 52.94 -0.02 -17.82
N ARG B 59 52.82 0.15 -19.13
CA ARG B 59 53.22 1.40 -19.77
C ARG B 59 52.04 2.37 -19.85
N PHE B 60 51.34 2.58 -18.74
CA PHE B 60 50.08 3.33 -18.78
C PHE B 60 50.26 4.84 -18.94
N TYR B 61 51.31 5.39 -18.34
CA TYR B 61 51.52 6.84 -18.30
C TYR B 61 52.16 7.42 -19.58
N GLU B 62 52.61 6.55 -20.49
CA GLU B 62 53.13 6.99 -21.80
C GLU B 62 51.97 6.90 -22.82
N HIS B 63 51.87 5.79 -23.55
CA HIS B 63 50.57 5.24 -23.91
C HIS B 63 49.62 6.29 -24.54
N GLY B 64 48.33 6.27 -24.17
CA GLY B 64 47.33 7.12 -24.82
C GLY B 64 46.00 6.40 -24.93
N ALA B 65 45.96 5.34 -25.72
CA ALA B 65 44.72 4.58 -25.92
C ALA B 65 45.05 3.25 -26.58
N LEU B 66 45.58 2.35 -25.76
CA LEU B 66 46.18 1.07 -26.17
C LEU B 66 47.60 1.33 -26.68
N ASP B 67 48.51 0.44 -26.29
CA ASP B 67 49.93 0.55 -26.64
C ASP B 67 50.15 0.69 -28.14
N TYR B 68 49.34 -0.03 -28.92
CA TYR B 68 49.60 -0.38 -30.33
C TYR B 68 50.45 -1.63 -30.39
N LYS B 69 51.58 -1.60 -29.66
CA LYS B 69 52.51 -2.72 -29.59
C LYS B 69 51.86 -3.94 -28.98
N ARG B 70 50.86 -3.72 -28.12
CA ARG B 70 50.04 -4.83 -27.60
C ARG B 70 48.89 -5.17 -28.55
N LEU B 71 48.73 -4.37 -29.59
CA LEU B 71 47.84 -4.67 -30.70
C LEU B 71 48.61 -5.21 -31.92
N PHE B 72 49.94 -5.09 -31.88
CA PHE B 72 50.83 -5.70 -32.88
C PHE B 72 50.79 -7.22 -32.75
N GLY B 73 51.04 -7.72 -31.53
CA GLY B 73 51.06 -9.16 -31.27
C GLY B 73 49.69 -9.79 -31.08
N ALA B 74 48.73 -9.04 -30.53
CA ALA B 74 47.39 -9.56 -30.21
C ALA B 74 46.59 -9.96 -31.45
N ILE B 75 46.70 -9.17 -32.51
CA ILE B 75 46.11 -9.52 -33.81
C ILE B 75 46.81 -10.74 -34.42
N GLY B 76 48.10 -10.92 -34.10
CA GLY B 76 48.90 -12.06 -34.54
C GLY B 76 48.31 -13.45 -34.29
N LYS B 77 47.30 -13.52 -33.42
CA LYS B 77 46.51 -14.75 -33.21
C LYS B 77 45.49 -14.99 -34.34
N ASN B 78 44.79 -13.92 -34.75
CA ASN B 78 43.83 -13.98 -35.85
C ASN B 78 44.09 -12.89 -36.88
N GLY B 87 42.34 -10.63 -26.93
CA GLY B 87 43.76 -10.36 -26.73
C GLY B 87 44.08 -9.69 -25.40
N ALA B 88 44.31 -8.37 -25.45
CA ALA B 88 44.61 -7.55 -24.27
C ALA B 88 44.24 -6.08 -24.48
N SER B 89 44.12 -5.33 -23.38
CA SER B 89 43.66 -3.93 -23.43
C SER B 89 44.19 -3.07 -22.25
N THR B 90 43.83 -1.79 -22.26
CA THR B 90 44.50 -0.77 -21.45
C THR B 90 43.55 -0.11 -20.47
N LEU B 91 44.05 0.28 -19.30
CA LEU B 91 43.25 0.91 -18.24
C LEU B 91 42.22 1.87 -18.82
N THR B 92 42.69 2.87 -19.57
CA THR B 92 41.83 3.91 -20.16
C THR B 92 40.63 3.28 -20.84
N GLN B 93 40.86 2.38 -21.78
CA GLN B 93 39.77 1.75 -22.50
C GLN B 93 39.05 0.72 -21.62
N GLN B 94 39.82 0.02 -20.79
CA GLN B 94 39.24 -0.91 -19.80
C GLN B 94 38.17 -0.21 -18.98
N VAL B 95 38.42 1.05 -18.63
CA VAL B 95 37.44 1.86 -17.92
C VAL B 95 36.24 2.23 -18.80
N VAL B 96 36.50 2.60 -20.05
CA VAL B 96 35.44 2.96 -20.99
C VAL B 96 34.40 1.83 -21.12
N LYS B 97 34.89 0.59 -21.23
CA LYS B 97 34.02 -0.59 -21.20
C LYS B 97 33.14 -0.61 -19.96
N ASP B 98 33.70 -0.19 -18.83
CA ASP B 98 32.95 -0.15 -17.57
C ASP B 98 32.10 1.11 -17.40
N ALA B 99 32.18 2.04 -18.35
CA ALA B 99 31.14 3.06 -18.54
C ALA B 99 30.02 2.45 -19.39
N PHE B 100 29.56 1.27 -18.95
CA PHE B 100 28.61 0.38 -19.67
C PHE B 100 28.60 0.45 -21.21
N LEU B 101 29.38 -0.42 -21.84
CA LEU B 101 29.29 -0.65 -23.27
C LEU B 101 28.77 -2.06 -23.55
N SER B 102 27.52 -2.30 -23.13
CA SER B 102 26.79 -3.53 -23.46
C SER B 102 27.43 -4.83 -22.91
N GLN B 103 26.80 -5.95 -23.23
CA GLN B 103 27.34 -7.29 -22.97
C GLN B 103 27.70 -8.06 -24.26
N HIS B 104 27.24 -7.58 -25.42
CA HIS B 104 27.73 -8.10 -26.70
C HIS B 104 29.03 -7.35 -27.04
N LYS B 105 29.96 -8.05 -27.68
CA LYS B 105 31.29 -7.52 -27.96
C LYS B 105 31.63 -7.62 -29.47
N SER B 106 32.32 -8.70 -29.86
CA SER B 106 32.77 -8.95 -31.26
C SER B 106 33.08 -7.68 -32.06
N ILE B 107 34.25 -7.09 -31.76
CA ILE B 107 34.71 -5.83 -32.38
C ILE B 107 33.67 -4.68 -32.42
N GLY B 108 32.57 -4.84 -31.69
CA GLY B 108 31.51 -3.84 -31.63
C GLY B 108 31.72 -2.97 -30.41
N ARG B 109 31.71 -3.61 -29.25
CA ARG B 109 32.13 -2.96 -28.01
C ARG B 109 33.50 -2.32 -28.22
N LYS B 110 34.43 -3.10 -28.77
CA LYS B 110 35.82 -2.64 -29.01
C LYS B 110 35.89 -1.45 -29.95
N ALA B 111 34.91 -1.30 -30.84
CA ALA B 111 34.85 -0.18 -31.78
C ALA B 111 34.60 1.16 -31.08
N GLN B 112 33.57 1.19 -30.23
CA GLN B 112 33.22 2.39 -29.45
C GLN B 112 34.28 2.59 -28.38
N GLU B 113 34.58 1.51 -27.66
CA GLU B 113 35.65 1.49 -26.66
C GLU B 113 36.87 2.25 -27.17
N ALA B 114 37.26 1.97 -28.41
CA ALA B 114 38.49 2.51 -29.01
C ALA B 114 38.48 4.03 -29.19
N TYR B 115 37.34 4.59 -29.60
CA TYR B 115 37.23 6.04 -29.79
C TYR B 115 37.03 6.75 -28.44
N LEU B 116 36.11 6.22 -27.63
CA LEU B 116 35.83 6.76 -26.30
C LEU B 116 37.11 6.95 -25.50
N SER B 117 38.03 5.99 -25.61
CA SER B 117 39.35 6.06 -24.98
C SER B 117 40.06 7.37 -25.34
N TYR B 118 40.29 7.59 -26.63
CA TYR B 118 40.96 8.82 -27.12
C TYR B 118 40.26 10.08 -26.63
N ARG B 119 38.93 10.06 -26.67
CA ARG B 119 38.11 11.17 -26.20
C ARG B 119 38.30 11.41 -24.70
N LEU B 120 38.21 10.34 -23.93
CA LEU B 120 38.32 10.41 -22.48
C LEU B 120 39.72 10.85 -22.05
N GLU B 121 40.73 10.45 -22.82
CA GLU B 121 42.12 10.86 -22.57
C GLU B 121 42.34 12.36 -22.80
N GLN B 122 41.50 12.97 -23.64
CA GLN B 122 41.58 14.41 -23.92
C GLN B 122 40.77 15.25 -22.93
N GLU B 123 39.87 14.60 -22.19
CA GLU B 123 39.07 15.28 -21.17
C GLU B 123 39.61 15.06 -19.74
N TYR B 124 40.17 13.87 -19.49
CA TYR B 124 40.62 13.47 -18.14
C TYR B 124 42.11 13.12 -18.07
N SER B 125 42.75 13.44 -16.96
CA SER B 125 44.19 13.18 -16.80
C SER B 125 44.41 11.71 -16.55
N LYS B 126 45.65 11.25 -16.69
CA LYS B 126 45.95 9.83 -16.47
C LYS B 126 45.56 9.40 -15.07
N ASP B 127 45.74 10.28 -14.08
CA ASP B 127 45.47 9.93 -12.68
C ASP B 127 43.97 9.76 -12.44
N ASP B 128 43.20 10.73 -12.89
CA ASP B 128 41.75 10.64 -12.78
C ASP B 128 41.22 9.35 -13.42
N ILE B 129 41.88 8.83 -14.45
CA ILE B 129 41.45 7.58 -15.08
C ILE B 129 41.83 6.36 -14.24
N PHE B 130 43.07 6.32 -13.77
CA PHE B 130 43.52 5.31 -12.83
C PHE B 130 42.64 5.26 -11.58
N GLN B 131 42.19 6.43 -11.12
CA GLN B 131 41.35 6.51 -9.94
C GLN B 131 40.01 5.81 -10.17
N VAL B 132 39.26 6.26 -11.17
CA VAL B 132 37.98 5.63 -11.50
C VAL B 132 38.15 4.14 -11.68
N TYR B 133 39.26 3.73 -12.26
CA TYR B 133 39.56 2.32 -12.35
C TYR B 133 39.55 1.72 -10.94
N LEU B 134 40.43 2.22 -10.07
CA LEU B 134 40.63 1.62 -8.75
C LEU B 134 39.38 1.72 -7.87
N ASN B 135 38.36 2.39 -8.36
CA ASN B 135 37.11 2.47 -7.63
C ASN B 135 35.98 1.60 -8.18
N LYS B 136 35.87 1.48 -9.50
CA LYS B 136 34.68 0.83 -10.08
C LYS B 136 34.80 -0.68 -10.22
N ILE B 137 35.97 -1.17 -10.59
CA ILE B 137 36.15 -2.57 -11.00
C ILE B 137 35.71 -3.60 -9.94
N TYR B 138 35.39 -4.82 -10.38
CA TYR B 138 34.71 -5.82 -9.54
C TYR B 138 35.67 -6.82 -8.94
N TYR B 139 35.40 -7.27 -7.72
CA TYR B 139 36.31 -8.19 -7.02
C TYR B 139 35.65 -9.46 -6.46
N SER B 140 34.47 -9.81 -6.99
CA SER B 140 33.64 -10.93 -6.50
C SER B 140 32.97 -10.65 -5.15
N ASP B 141 31.98 -11.48 -4.81
CA ASP B 141 31.15 -11.28 -3.60
C ASP B 141 30.63 -9.86 -3.44
N GLY B 142 30.32 -9.21 -4.55
CA GLY B 142 29.73 -7.88 -4.52
C GLY B 142 30.68 -6.72 -4.30
N VAL B 143 31.97 -6.99 -4.14
CA VAL B 143 32.91 -5.95 -3.74
C VAL B 143 33.41 -5.16 -4.95
N THR B 144 33.18 -3.86 -4.92
CA THR B 144 33.64 -2.97 -5.97
C THR B 144 34.73 -2.04 -5.43
N GLY B 145 35.87 -2.01 -6.10
CA GLY B 145 36.94 -1.09 -5.75
C GLY B 145 37.97 -1.74 -4.84
N ILE B 146 39.19 -1.22 -4.91
CA ILE B 146 40.34 -1.76 -4.20
C ILE B 146 40.33 -1.49 -2.69
N LYS B 147 39.79 -0.37 -2.26
CA LYS B 147 39.77 -0.04 -0.83
C LYS B 147 38.90 -1.06 -0.11
N ALA B 148 37.83 -1.49 -0.78
CA ALA B 148 36.90 -2.47 -0.23
C ALA B 148 37.55 -3.86 -0.25
N ALA B 149 38.12 -4.25 -1.37
CA ALA B 149 38.83 -5.53 -1.47
C ALA B 149 39.70 -5.75 -0.24
N ALA B 150 40.52 -4.77 0.13
CA ALA B 150 41.47 -4.95 1.24
C ALA B 150 40.80 -5.17 2.61
N LYS B 151 39.82 -4.32 2.93
CA LYS B 151 39.09 -4.49 4.19
C LYS B 151 38.35 -5.81 4.18
N TYR B 152 37.82 -6.20 3.02
CA TYR B 152 37.06 -7.43 2.95
C TYR B 152 37.98 -8.60 3.24
N TYR B 153 38.80 -8.99 2.25
CA TYR B 153 39.59 -10.21 2.35
C TYR B 153 40.56 -10.25 3.52
N PHE B 154 41.14 -9.11 3.88
CA PHE B 154 42.19 -9.09 4.90
C PHE B 154 41.93 -8.18 6.11
N ASN B 155 40.83 -7.42 6.10
CA ASN B 155 40.54 -6.49 7.18
C ASN B 155 41.70 -5.49 7.33
N LYS B 156 42.36 -5.21 6.21
CA LYS B 156 43.54 -4.37 6.19
C LYS B 156 43.29 -3.07 5.45
N ASP B 157 43.79 -1.97 6.02
CA ASP B 157 43.94 -0.73 5.25
C ASP B 157 45.05 -0.98 4.24
N LEU B 158 44.97 -0.31 3.10
CA LEU B 158 45.94 -0.53 2.06
C LEU B 158 47.36 -0.26 2.60
N LYS B 159 47.53 0.85 3.31
CA LYS B 159 48.87 1.25 3.77
C LYS B 159 49.70 0.11 4.38
N ASP B 160 49.12 -0.68 5.28
CA ASP B 160 49.84 -1.80 5.89
C ASP B 160 49.31 -3.15 5.38
N LEU B 161 49.66 -3.47 4.13
CA LEU B 161 49.46 -4.83 3.62
C LEU B 161 50.59 -5.24 2.68
N ASN B 162 50.93 -6.52 2.70
CA ASN B 162 52.13 -7.06 2.05
C ASN B 162 51.99 -7.33 0.56
N LEU B 163 53.11 -7.66 -0.08
CA LEU B 163 53.14 -7.85 -1.53
C LEU B 163 52.27 -9.02 -2.00
N ALA B 164 52.24 -10.10 -1.24
CA ALA B 164 51.41 -11.24 -1.60
C ALA B 164 49.97 -10.81 -1.74
N GLU B 165 49.50 -10.11 -0.71
CA GLU B 165 48.15 -9.59 -0.66
C GLU B 165 47.89 -8.70 -1.87
N GLU B 166 48.80 -7.77 -2.12
CA GLU B 166 48.67 -6.80 -3.23
C GLU B 166 48.61 -7.53 -4.56
N ALA B 167 49.57 -8.43 -4.76
CA ALA B 167 49.62 -9.25 -5.96
C ALA B 167 48.25 -9.83 -6.22
N TYR B 168 47.72 -10.54 -5.23
CA TYR B 168 46.43 -11.21 -5.35
C TYR B 168 45.31 -10.25 -5.74
N LEU B 169 45.12 -9.20 -4.94
CA LEU B 169 44.09 -8.19 -5.23
C LEU B 169 44.29 -7.64 -6.63
N ALA B 170 45.52 -7.32 -6.98
CA ALA B 170 45.81 -6.80 -8.31
C ALA B 170 45.34 -7.82 -9.34
N GLY B 171 45.57 -9.10 -9.04
CA GLY B 171 45.21 -10.18 -9.97
C GLY B 171 43.71 -10.40 -10.13
N LEU B 172 42.94 -10.08 -9.09
CA LEU B 172 41.56 -10.60 -8.98
C LEU B 172 40.60 -10.16 -10.10
N PRO B 173 40.57 -8.85 -10.43
CA PRO B 173 39.62 -8.35 -11.41
C PRO B 173 39.71 -8.88 -12.84
N GLN B 174 40.63 -9.79 -13.15
CA GLN B 174 40.61 -10.39 -14.49
C GLN B 174 39.43 -11.34 -14.66
N VAL B 175 39.29 -12.28 -13.73
CA VAL B 175 38.12 -13.16 -13.70
C VAL B 175 37.74 -13.40 -12.24
N PRO B 176 37.22 -12.36 -11.58
CA PRO B 176 37.04 -12.34 -10.13
C PRO B 176 36.48 -13.64 -9.58
N ASN B 177 35.29 -14.03 -10.05
CA ASN B 177 34.62 -15.23 -9.54
C ASN B 177 35.53 -16.46 -9.59
N ASN B 178 36.19 -16.66 -10.74
CA ASN B 178 37.12 -17.78 -10.91
C ASN B 178 38.33 -17.73 -9.98
N TYR B 179 38.73 -16.53 -9.55
CA TYR B 179 39.90 -16.34 -8.68
C TYR B 179 39.60 -16.04 -7.20
N ASN B 180 38.32 -16.01 -6.81
CA ASN B 180 37.95 -15.74 -5.42
C ASN B 180 38.47 -16.84 -4.50
N ILE B 181 39.39 -16.50 -3.58
CA ILE B 181 40.08 -17.53 -2.78
C ILE B 181 39.17 -18.43 -1.99
N TYR B 182 38.07 -17.89 -1.47
CA TYR B 182 37.15 -18.70 -0.68
C TYR B 182 36.68 -19.91 -1.49
N ASP B 183 36.34 -19.68 -2.75
CA ASP B 183 35.86 -20.74 -3.65
C ASP B 183 36.99 -21.54 -4.30
N HIS B 184 37.89 -20.84 -4.99
CA HIS B 184 38.93 -21.48 -5.78
C HIS B 184 40.33 -21.08 -5.29
N PRO B 185 40.72 -21.52 -4.08
CA PRO B 185 42.05 -21.15 -3.53
C PRO B 185 43.24 -21.59 -4.41
N LYS B 186 43.20 -22.84 -4.89
CA LYS B 186 44.21 -23.31 -5.84
C LYS B 186 44.37 -22.34 -7.01
N ALA B 187 43.23 -21.89 -7.56
CA ALA B 187 43.22 -20.96 -8.68
C ALA B 187 43.73 -19.57 -8.30
N ALA B 188 43.37 -19.13 -7.10
CA ALA B 188 43.80 -17.84 -6.60
C ALA B 188 45.30 -17.84 -6.36
N GLU B 189 45.81 -18.91 -5.76
CA GLU B 189 47.24 -19.03 -5.54
C GLU B 189 47.97 -18.80 -6.87
N ASP B 190 47.61 -19.59 -7.87
CA ASP B 190 48.27 -19.53 -9.17
C ASP B 190 48.16 -18.17 -9.86
N ARG B 191 47.08 -17.46 -9.58
CA ARG B 191 46.86 -16.13 -10.14
C ARG B 191 47.68 -15.05 -9.43
N LYS B 192 47.78 -15.16 -8.11
CA LYS B 192 48.69 -14.32 -7.32
C LYS B 192 50.13 -14.55 -7.77
N ASN B 193 50.49 -15.82 -7.98
CA ASN B 193 51.82 -16.16 -8.45
C ASN B 193 52.20 -15.51 -9.78
N THR B 194 51.27 -15.47 -10.74
CA THR B 194 51.60 -14.88 -12.04
C THR B 194 51.60 -13.36 -11.96
N VAL B 195 50.86 -12.79 -11.03
CA VAL B 195 50.94 -11.35 -10.82
C VAL B 195 52.31 -10.94 -10.30
N LEU B 196 52.83 -11.70 -9.33
CA LEU B 196 54.15 -11.45 -8.80
C LEU B 196 55.13 -11.51 -9.95
N TYR B 197 55.01 -12.56 -10.77
CA TYR B 197 55.89 -12.75 -11.93
C TYR B 197 55.88 -11.54 -12.84
N LEU B 198 54.71 -10.98 -13.09
CA LEU B 198 54.59 -9.81 -13.94
C LEU B 198 55.22 -8.59 -13.30
N HIS B 200 57.70 -8.60 -11.24
CA HIS B 200 59.12 -8.82 -11.42
C HIS B 200 59.53 -8.55 -12.88
N TYR B 201 58.83 -9.18 -13.82
CA TYR B 201 59.13 -9.08 -15.25
C TYR B 201 59.22 -7.63 -15.72
N HIS B 202 58.36 -6.78 -15.18
CA HIS B 202 58.33 -5.35 -15.51
C HIS B 202 59.18 -4.49 -14.57
N LYS B 203 60.04 -5.12 -13.78
CA LYS B 203 61.01 -4.43 -12.90
C LYS B 203 60.35 -3.49 -11.88
N ARG B 204 59.14 -3.82 -11.47
CA ARG B 204 58.43 -3.09 -10.43
C ARG B 204 58.83 -3.56 -9.01
N ILE B 205 59.51 -4.71 -8.92
CA ILE B 205 60.11 -5.15 -7.66
C ILE B 205 61.43 -5.87 -7.93
N THR B 206 62.33 -5.83 -6.95
CA THR B 206 63.67 -6.44 -7.11
C THR B 206 63.65 -7.96 -6.96
N ASP B 207 64.78 -8.58 -7.31
CA ASP B 207 64.91 -10.03 -7.21
C ASP B 207 64.71 -10.51 -5.78
N LYS B 208 65.24 -9.75 -4.83
CA LYS B 208 65.21 -10.12 -3.42
C LYS B 208 63.78 -10.16 -2.90
N GLN B 209 63.06 -9.05 -3.03
CA GLN B 209 61.70 -8.94 -2.51
C GLN B 209 60.66 -9.79 -3.28
N TRP B 210 60.97 -10.14 -4.54
CA TRP B 210 60.14 -11.12 -5.29
C TRP B 210 60.31 -12.50 -4.72
N GLU B 211 61.58 -12.90 -4.55
CA GLU B 211 61.89 -14.21 -4.00
C GLU B 211 61.49 -14.29 -2.53
N ASP B 212 61.42 -13.14 -1.86
CA ASP B 212 60.99 -13.08 -0.47
C ASP B 212 59.47 -12.89 -0.34
N ALA B 213 58.83 -12.44 -1.42
CA ALA B 213 57.37 -12.28 -1.46
C ALA B 213 56.67 -13.58 -1.82
N LYS B 214 57.22 -14.33 -2.76
CA LYS B 214 56.58 -15.57 -3.25
C LYS B 214 56.54 -16.70 -2.22
N LYS B 215 57.36 -16.61 -1.17
CA LYS B 215 57.34 -17.59 -0.08
C LYS B 215 56.48 -17.12 1.09
N ILE B 216 55.32 -16.54 0.79
CA ILE B 216 54.42 -16.00 1.80
C ILE B 216 53.07 -16.66 1.69
N ASP B 217 52.47 -16.98 2.83
CA ASP B 217 51.17 -17.64 2.87
C ASP B 217 50.10 -16.58 2.58
N LEU B 218 49.31 -16.80 1.54
CA LEU B 218 48.30 -15.84 1.17
C LEU B 218 47.23 -15.78 2.24
N LYS B 219 46.87 -16.94 2.81
CA LYS B 219 45.93 -16.98 3.95
C LYS B 219 46.48 -16.33 5.25
N ALA B 220 47.68 -15.73 5.16
CA ALA B 220 48.32 -14.98 6.25
C ALA B 220 47.32 -14.31 7.20
N ASN B 221 46.76 -13.16 6.80
CA ASN B 221 45.72 -12.51 7.58
C ASN B 221 44.41 -12.55 6.80
N LEU B 222 44.05 -13.72 6.28
CA LEU B 222 42.78 -13.90 5.62
C LEU B 222 41.72 -14.02 6.69
N VAL B 223 40.76 -13.10 6.68
CA VAL B 223 39.72 -13.09 7.69
C VAL B 223 38.76 -14.25 7.41
N ASN B 224 38.68 -15.17 8.38
CA ASN B 224 37.91 -16.42 8.22
C ASN B 224 36.43 -16.18 8.02
N ARG B 225 35.78 -17.05 7.25
CA ARG B 225 34.39 -16.84 6.89
C ARG B 225 33.67 -18.09 6.38
N THR B 226 32.35 -17.96 6.32
CA THR B 226 31.43 -19.01 5.89
C THR B 226 30.60 -18.45 4.71
N PRO B 227 30.00 -19.34 3.90
CA PRO B 227 29.18 -18.87 2.76
C PRO B 227 27.98 -18.02 3.17
N GLU B 228 27.39 -18.35 4.31
CA GLU B 228 26.21 -17.63 4.80
C GLU B 228 26.57 -16.18 5.14
N GLU B 229 27.86 -15.93 5.38
CA GLU B 229 28.35 -14.57 5.65
C GLU B 229 28.72 -13.84 4.36
N ARG B 230 29.29 -14.56 3.38
CA ARG B 230 29.72 -13.97 2.11
C ARG B 230 28.56 -13.47 1.26
N GLN B 231 27.42 -14.13 1.38
CA GLN B 231 26.20 -13.71 0.72
C GLN B 231 25.45 -12.66 1.56
N ASN B 232 25.62 -12.71 2.89
CA ASN B 232 24.97 -11.75 3.81
C ASN B 232 25.51 -10.31 3.71
N ILE B 233 24.97 -9.58 2.73
CA ILE B 233 25.13 -8.13 2.65
C ILE B 233 24.16 -7.56 3.71
N ASP B 234 24.70 -7.11 4.84
CA ASP B 234 23.86 -6.61 5.93
C ASP B 234 23.43 -5.15 5.73
N THR B 235 22.26 -4.96 5.16
CA THR B 235 21.81 -3.62 4.79
C THR B 235 21.29 -2.76 5.97
N ASN B 236 21.14 -3.36 7.16
CA ASN B 236 20.49 -2.67 8.29
C ASN B 236 21.39 -2.56 9.52
N GLN B 237 22.60 -2.11 9.32
CA GLN B 237 23.54 -2.02 10.43
C GLN B 237 23.28 -0.71 11.16
N ASP B 238 23.68 -0.64 12.43
CA ASP B 238 23.45 0.54 13.28
C ASP B 238 22.00 0.95 13.11
N SER B 239 21.14 -0.04 13.24
CA SER B 239 19.74 0.14 12.98
C SER B 239 19.15 1.16 13.93
N GLU B 240 19.89 1.47 15.00
CA GLU B 240 19.42 2.38 16.02
C GLU B 240 19.37 3.83 15.56
N TYR B 241 19.96 4.10 14.40
CA TYR B 241 19.97 5.45 13.85
C TYR B 241 18.92 5.67 12.77
N ASN B 242 18.31 4.56 12.35
CA ASN B 242 17.45 4.49 11.17
C ASN B 242 16.50 5.65 11.12
N SER B 243 15.82 5.89 12.24
CA SER B 243 14.93 7.03 12.34
C SER B 243 15.70 8.38 12.40
N TYR B 244 16.80 8.48 13.19
CA TYR B 244 17.56 9.76 13.23
C TYR B 244 17.93 10.14 11.82
N VAL B 245 18.29 9.12 11.03
CA VAL B 245 18.64 9.32 9.61
C VAL B 245 17.45 9.72 8.72
N ASN B 246 16.31 9.06 8.91
CA ASN B 246 15.14 9.33 8.07
C ASN B 246 14.72 10.77 8.33
N PHE B 247 14.93 11.25 9.57
CA PHE B 247 14.55 12.62 9.90
C PHE B 247 15.57 13.59 9.26
N VAL B 248 16.84 13.18 9.19
CA VAL B 248 17.87 14.08 8.71
C VAL B 248 17.68 14.28 7.23
N LYS B 249 17.32 13.20 6.54
CA LYS B 249 17.11 13.31 5.10
C LYS B 249 16.04 14.35 4.81
N SER B 250 14.97 14.35 5.58
CA SER B 250 13.88 15.27 5.29
C SER B 250 14.34 16.72 5.46
N GLU B 251 14.96 17.03 6.59
CA GLU B 251 15.43 18.38 6.87
C GLU B 251 16.54 18.80 5.95
N LEU B 252 17.35 17.85 5.47
CA LEU B 252 18.46 18.20 4.61
C LEU B 252 17.98 19.06 3.45
N ASN B 254 15.31 20.94 2.94
CA ASN B 254 14.54 22.18 3.14
C ASN B 254 15.48 23.30 3.56
N ASN B 255 16.43 23.60 2.69
CA ASN B 255 17.33 24.71 2.86
C ASN B 255 17.63 25.27 1.46
N LYS B 256 17.56 26.59 1.32
CA LYS B 256 18.01 27.27 0.11
C LYS B 256 18.96 26.40 -0.71
N ALA B 257 20.11 26.06 -0.13
CA ALA B 257 21.22 25.45 -0.86
C ALA B 257 20.79 24.26 -1.70
N PHE B 258 19.78 23.53 -1.24
CA PHE B 258 19.23 22.37 -1.96
C PHE B 258 17.86 22.70 -2.57
N LYS B 259 16.81 21.93 -2.25
CA LYS B 259 15.44 22.22 -2.71
C LYS B 259 15.32 22.36 -4.24
N ASP B 260 16.16 23.22 -4.83
CA ASP B 260 16.48 23.16 -6.25
C ASP B 260 16.82 21.75 -6.77
N GLU B 261 17.26 20.85 -5.88
CA GLU B 261 17.96 19.64 -6.30
C GLU B 261 17.25 18.31 -5.98
N ASN B 262 17.84 17.23 -6.51
CA ASN B 262 17.36 15.86 -6.32
C ASN B 262 18.08 15.19 -5.16
N LEU B 263 17.30 14.75 -4.18
CA LEU B 263 17.82 14.15 -2.95
C LEU B 263 18.82 13.07 -3.27
N GLY B 264 18.37 12.07 -4.01
CA GLY B 264 19.17 10.90 -4.34
C GLY B 264 20.59 11.23 -4.74
N ASN B 265 20.74 12.28 -5.55
CA ASN B 265 22.05 12.79 -5.97
C ASN B 265 22.80 13.48 -4.85
N VAL B 266 22.11 14.34 -4.11
CA VAL B 266 22.73 15.10 -3.02
C VAL B 266 23.40 14.18 -2.01
N LEU B 267 22.77 13.05 -1.72
CA LEU B 267 23.36 12.08 -0.80
C LEU B 267 24.64 11.50 -1.39
N GLN B 268 24.62 11.17 -2.68
CA GLN B 268 25.79 10.63 -3.37
C GLN B 268 26.66 11.74 -3.93
N SER B 269 27.02 12.70 -3.06
CA SER B 269 27.83 13.86 -3.45
C SER B 269 28.79 14.35 -2.34
N GLY B 270 29.06 13.48 -1.36
CA GLY B 270 30.13 13.69 -0.40
C GLY B 270 29.90 14.76 0.64
N ILE B 271 28.63 15.02 0.93
CA ILE B 271 28.26 15.98 1.97
C ILE B 271 28.47 15.34 3.29
N LYS B 272 28.69 16.17 4.31
CA LYS B 272 28.88 15.72 5.68
C LYS B 272 27.83 16.46 6.44
N ILE B 273 27.07 15.77 7.25
CA ILE B 273 25.96 16.38 7.93
C ILE B 273 26.21 16.27 9.40
N TYR B 274 26.17 17.41 10.10
CA TYR B 274 26.48 17.44 11.52
C TYR B 274 25.24 17.81 12.26
N THR B 275 24.87 16.95 13.20
CA THR B 275 23.56 16.95 13.80
C THR B 275 23.65 17.11 15.30
N ASN B 276 22.50 17.37 15.94
CA ASN B 276 22.40 17.41 17.40
C ASN B 276 22.16 16.06 18.05
N ASP B 278 22.58 12.84 20.01
CA ASP B 278 23.42 12.10 20.93
C ASP B 278 23.22 10.58 20.78
N LYS B 279 24.20 9.94 20.17
CA LYS B 279 24.19 8.49 19.95
C LYS B 279 23.72 7.70 21.16
N ASP B 280 24.36 7.96 22.30
CA ASP B 280 24.00 7.26 23.53
C ASP B 280 22.53 7.33 23.97
N VAL B 281 21.90 8.47 23.76
CA VAL B 281 20.49 8.59 24.03
C VAL B 281 19.77 7.77 22.98
N GLN B 282 20.23 7.91 21.73
CA GLN B 282 19.59 7.30 20.56
C GLN B 282 19.59 5.77 20.65
N LYS B 283 20.68 5.21 21.15
CA LYS B 283 20.79 3.79 21.40
C LYS B 283 19.86 3.39 22.55
N THR B 284 19.72 4.24 23.56
CA THR B 284 18.93 3.88 24.72
C THR B 284 17.46 3.89 24.31
N LEU B 285 17.11 4.88 23.50
CA LEU B 285 15.74 5.09 23.09
C LEU B 285 15.27 3.95 22.24
N GLN B 286 16.07 3.57 21.25
CA GLN B 286 15.59 2.58 20.28
C GLN B 286 15.73 1.17 20.84
N ASN B 287 16.82 0.89 21.55
CA ASN B 287 16.93 -0.38 22.27
C ASN B 287 15.65 -0.60 23.10
N ASP B 288 15.15 0.45 23.74
CA ASP B 288 14.07 0.31 24.69
C ASP B 288 12.76 0.08 23.96
N VAL B 289 12.58 0.77 22.84
CA VAL B 289 11.45 0.53 21.98
C VAL B 289 11.46 -0.93 21.51
N ASP B 290 12.66 -1.45 21.19
CA ASP B 290 12.77 -2.78 20.57
C ASP B 290 12.87 -3.90 21.60
N ASN B 291 12.78 -3.56 22.87
CA ASN B 291 12.98 -4.58 23.88
C ASN B 291 11.97 -4.48 25.01
N GLY B 292 11.15 -3.44 24.99
CA GLY B 292 10.03 -3.30 25.92
C GLY B 292 8.94 -4.38 25.80
N SER B 293 8.23 -4.57 26.92
CA SER B 293 7.21 -5.58 27.02
C SER B 293 5.84 -4.92 27.16
N PHE B 294 5.81 -3.62 26.90
CA PHE B 294 4.61 -2.80 27.00
C PHE B 294 3.89 -2.69 25.64
N TYR B 295 3.79 -3.82 24.96
CA TYR B 295 3.02 -3.87 23.73
C TYR B 295 1.92 -4.93 23.89
N LYS B 296 0.67 -4.60 23.58
CA LYS B 296 -0.41 -5.62 23.64
C LYS B 296 -0.16 -6.69 22.63
N ASN B 297 0.25 -6.33 21.41
CA ASN B 297 0.51 -7.29 20.34
C ASN B 297 1.24 -6.64 19.17
N LYS B 298 1.76 -7.44 18.25
CA LYS B 298 2.59 -6.93 17.13
C LYS B 298 2.01 -5.72 16.39
N ASP B 299 0.68 -5.65 16.29
CA ASP B 299 0.01 -4.51 15.63
C ASP B 299 0.17 -3.22 16.38
N GLN B 300 0.68 -3.26 17.61
CA GLN B 300 0.75 -2.05 18.42
C GLN B 300 1.93 -1.27 17.96
N GLN B 301 1.81 0.04 17.97
CA GLN B 301 2.85 0.89 17.43
C GLN B 301 3.27 1.99 18.36
N VAL B 302 4.44 2.53 18.08
CA VAL B 302 5.03 3.58 18.90
C VAL B 302 5.71 4.63 18.02
N GLY B 303 5.67 5.88 18.46
CA GLY B 303 6.52 6.95 17.92
C GLY B 303 7.03 7.80 19.08
N ALA B 304 8.31 8.13 19.10
CA ALA B 304 8.90 8.85 20.26
C ALA B 304 10.00 9.82 19.83
N THR B 305 9.82 11.08 20.19
CA THR B 305 10.85 12.08 20.02
C THR B 305 11.35 12.62 21.35
N ILE B 306 12.64 12.52 21.60
CA ILE B 306 13.25 13.27 22.69
C ILE B 306 13.93 14.44 22.05
N LEU B 307 13.64 15.65 22.49
CA LEU B 307 14.46 16.78 22.04
C LEU B 307 15.01 17.66 23.18
N ASP B 308 16.09 18.38 22.94
CA ASP B 308 16.68 19.22 23.98
C ASP B 308 15.75 20.41 24.21
N SER B 309 15.16 20.48 25.41
CA SER B 309 14.27 21.57 25.79
C SER B 309 14.81 22.97 25.47
N LYS B 310 15.93 23.38 26.08
CA LYS B 310 16.44 24.76 25.88
C LYS B 310 16.39 25.20 24.40
N THR B 311 17.00 24.41 23.49
CA THR B 311 17.26 24.88 22.10
C THR B 311 16.35 24.35 21.01
N GLY B 312 15.70 23.22 21.26
CA GLY B 312 14.83 22.61 20.25
C GLY B 312 15.57 21.64 19.36
N GLY B 313 16.82 21.38 19.69
CA GLY B 313 17.60 20.44 18.90
C GLY B 313 17.15 19.00 19.10
N LEU B 314 17.17 18.23 18.02
CA LEU B 314 16.78 16.85 18.06
C LEU B 314 17.88 15.94 18.54
N VAL B 315 17.78 15.50 19.79
CA VAL B 315 18.75 14.60 20.39
C VAL B 315 18.56 13.14 20.00
N ALA B 316 17.33 12.68 19.95
CA ALA B 316 17.09 11.27 19.66
C ALA B 316 15.66 11.08 19.14
N ILE B 317 15.40 10.04 18.35
CA ILE B 317 14.08 9.85 17.72
C ILE B 317 13.83 8.38 17.32
N SER B 318 12.59 7.93 17.52
CA SER B 318 12.20 6.58 17.13
C SER B 318 10.92 6.57 16.36
N GLY B 319 10.96 6.05 15.14
CA GLY B 319 9.75 5.97 14.31
C GLY B 319 8.92 4.69 14.47
N GLY B 320 9.37 3.77 15.31
CA GLY B 320 8.59 2.56 15.64
C GLY B 320 9.45 1.36 16.02
N ARG B 321 8.81 0.23 16.36
CA ARG B 321 9.60 -0.97 16.64
C ARG B 321 10.23 -1.44 15.34
N ASP B 322 11.54 -1.67 15.37
CA ASP B 322 12.35 -2.17 14.23
C ASP B 322 12.36 -1.26 13.00
N PHE B 323 12.19 0.04 13.20
CA PHE B 323 12.03 0.95 12.09
C PHE B 323 13.13 0.86 11.05
N LYS B 324 12.73 0.73 9.79
CA LYS B 324 13.62 0.85 8.65
C LYS B 324 13.15 2.08 7.88
N ASP B 325 13.92 2.60 6.92
CA ASP B 325 13.66 3.96 6.43
C ASP B 325 12.53 4.14 5.39
N VAL B 326 12.73 3.68 4.17
CA VAL B 326 11.65 3.83 3.20
C VAL B 326 10.51 2.86 3.54
N VAL B 327 10.84 1.73 4.16
CA VAL B 327 9.87 0.64 4.37
C VAL B 327 8.81 0.95 5.46
N ASN B 328 9.14 1.83 6.39
CA ASN B 328 8.21 2.13 7.48
C ASN B 328 7.87 3.60 7.62
N ARG B 329 6.63 3.83 8.01
CA ARG B 329 6.19 5.13 8.36
C ARG B 329 6.89 5.51 9.65
N ASN B 330 7.43 6.73 9.67
CA ASN B 330 8.01 7.32 10.87
C ASN B 330 6.85 7.83 11.70
N GLN B 331 6.46 7.00 12.64
CA GLN B 331 5.46 7.34 13.62
C GLN B 331 5.79 8.52 14.52
N ALA B 332 7.07 8.92 14.61
CA ALA B 332 7.46 10.07 15.45
C ALA B 332 7.19 11.36 14.74
N THR B 333 7.39 11.39 13.44
CA THR B 333 6.96 12.52 12.65
C THR B 333 5.55 12.45 11.98
N ASP B 334 4.79 11.36 12.06
CA ASP B 334 3.42 11.41 11.46
C ASP B 334 2.46 12.06 12.45
N PRO B 335 1.27 12.47 11.98
CA PRO B 335 0.27 12.99 12.88
C PRO B 335 -0.70 11.92 13.34
N HIS B 336 -1.29 12.12 14.53
CA HIS B 336 -2.06 11.12 15.27
C HIS B 336 -2.98 11.90 16.19
N PRO B 337 -4.21 11.44 16.39
CA PRO B 337 -5.02 12.24 17.32
C PRO B 337 -4.36 12.38 18.66
N THR B 338 -4.42 13.57 19.24
CA THR B 338 -3.69 13.90 20.46
C THR B 338 -4.44 13.65 21.76
N GLY B 339 -5.69 13.22 21.66
CA GLY B 339 -6.51 13.05 22.84
C GLY B 339 -6.33 14.27 23.72
N SER B 340 -6.26 14.05 25.01
CA SER B 340 -6.28 15.15 25.96
C SER B 340 -4.91 15.80 26.13
N SER B 341 -3.97 15.50 25.24
CA SER B 341 -2.61 16.01 25.35
C SER B 341 -2.54 17.54 25.31
N LEU B 342 -3.50 18.17 24.60
CA LEU B 342 -3.46 19.58 24.26
C LEU B 342 -4.22 20.50 25.22
N LYS B 343 -4.71 19.99 26.34
CA LYS B 343 -5.40 20.86 27.30
C LYS B 343 -4.53 21.98 27.80
N PRO B 344 -3.23 21.74 28.04
CA PRO B 344 -2.45 22.87 28.49
C PRO B 344 -2.42 24.01 27.48
N PHE B 345 -2.46 23.71 26.18
CA PHE B 345 -2.28 24.75 25.14
C PHE B 345 -3.55 25.38 24.56
N LEU B 346 -4.70 24.76 24.79
CA LEU B 346 -5.94 25.35 24.29
C LEU B 346 -6.83 25.87 25.42
N ALA B 347 -6.73 25.27 26.60
CA ALA B 347 -7.54 25.67 27.75
C ALA B 347 -6.74 26.50 28.77
N TYR B 348 -5.98 25.85 29.65
CA TYR B 348 -5.47 26.49 30.87
C TYR B 348 -4.30 27.46 30.65
N GLY B 349 -3.37 27.09 29.77
CA GLY B 349 -2.25 27.98 29.42
C GLY B 349 -2.75 29.33 28.92
N PRO B 350 -3.62 29.31 27.90
CA PRO B 350 -4.20 30.55 27.36
C PRO B 350 -4.93 31.35 28.43
N ALA B 351 -5.63 30.65 29.33
CA ALA B 351 -6.35 31.29 30.42
C ALA B 351 -5.39 32.03 31.34
N ILE B 352 -4.24 31.44 31.63
CA ILE B 352 -3.21 32.12 32.41
C ILE B 352 -2.54 33.27 31.66
N GLU B 353 -2.22 33.07 30.39
CA GLU B 353 -1.53 34.09 29.60
C GLU B 353 -2.34 35.36 29.47
N ASN B 354 -3.66 35.22 29.36
CA ASN B 354 -4.49 36.37 29.09
C ASN B 354 -5.13 37.00 30.33
N LYS B 356 -4.49 35.84 33.65
CA LYS B 356 -3.62 35.72 34.83
C LYS B 356 -4.19 34.93 36.02
N TRP B 357 -5.01 33.93 35.73
CA TRP B 357 -5.52 33.03 36.75
C TRP B 357 -4.34 32.48 37.54
N ALA B 358 -4.56 32.20 38.80
CA ALA B 358 -3.59 31.46 39.59
C ALA B 358 -3.71 29.99 39.22
N THR B 359 -2.76 29.19 39.69
CA THR B 359 -2.88 27.75 39.55
C THR B 359 -4.04 27.22 40.40
N ASN B 360 -4.66 28.09 41.19
CA ASN B 360 -5.83 27.78 42.03
C ASN B 360 -7.17 27.94 41.36
N HIS B 361 -7.25 28.78 40.32
CA HIS B 361 -8.55 29.22 39.81
C HIS B 361 -9.59 28.11 39.76
N ALA B 362 -10.54 28.14 40.68
CA ALA B 362 -11.58 27.12 40.78
C ALA B 362 -12.48 27.07 39.54
N ILE B 363 -12.93 25.87 39.20
CA ILE B 363 -13.94 25.65 38.16
C ILE B 363 -14.97 24.65 38.67
N GLN B 364 -16.21 24.83 38.23
CA GLN B 364 -17.32 23.98 38.63
C GLN B 364 -17.46 22.79 37.70
N ASP B 365 -16.95 21.64 38.13
CA ASP B 365 -17.11 20.40 37.38
C ASP B 365 -18.56 19.93 37.48
N GLU B 366 -18.97 19.13 36.51
CA GLU B 366 -20.35 18.65 36.43
C GLU B 366 -20.45 17.19 35.95
N SER B 367 -21.68 16.68 35.95
CA SER B 367 -21.99 15.36 35.43
C SER B 367 -21.88 15.39 33.90
N SER B 368 -22.47 16.43 33.31
CA SER B 368 -22.43 16.68 31.85
C SER B 368 -22.37 18.19 31.55
N TYR B 369 -22.01 18.54 30.32
CA TYR B 369 -21.97 19.94 29.89
C TYR B 369 -22.40 20.09 28.43
N GLN B 370 -23.01 21.24 28.13
CA GLN B 370 -23.65 21.49 26.83
C GLN B 370 -22.88 22.55 26.03
N VAL B 371 -22.15 22.12 25.02
CA VAL B 371 -21.41 23.03 24.15
C VAL B 371 -21.79 22.77 22.69
N ASP B 372 -22.58 23.68 22.13
CA ASP B 372 -23.14 23.52 20.78
C ASP B 372 -23.99 22.24 20.72
N GLY B 373 -24.14 21.66 19.52
CA GLY B 373 -24.89 20.41 19.38
C GLY B 373 -24.08 19.23 19.85
N SER B 374 -23.86 19.15 21.16
CA SER B 374 -22.98 18.15 21.73
C SER B 374 -23.14 18.07 23.24
N THR B 375 -23.11 16.84 23.77
CA THR B 375 -22.95 16.63 25.20
C THR B 375 -21.56 16.02 25.39
N PHE B 376 -20.86 16.49 26.43
CA PHE B 376 -19.54 16.00 26.74
C PHE B 376 -19.45 15.60 28.20
N ARG B 377 -18.69 14.55 28.47
CA ARG B 377 -18.65 13.94 29.79
C ARG B 377 -17.24 13.57 30.15
N ASN B 378 -17.00 13.44 31.45
CA ASN B 378 -15.70 13.04 31.97
C ASN B 378 -15.51 11.54 31.78
N TYR B 379 -14.26 11.10 31.72
CA TYR B 379 -13.93 9.69 31.46
C TYR B 379 -14.63 8.78 32.45
N ASP B 380 -14.46 9.08 33.75
CA ASP B 380 -15.14 8.32 34.80
C ASP B 380 -16.66 8.44 34.71
N THR B 381 -17.11 9.60 34.23
CA THR B 381 -18.53 9.97 34.08
C THR B 381 -19.04 10.81 35.25
N LYS B 382 -18.74 10.42 36.49
CA LYS B 382 -19.27 11.13 37.66
C LYS B 382 -18.58 12.49 37.88
N SER B 383 -19.27 13.38 38.60
CA SER B 383 -18.81 14.76 38.81
C SER B 383 -17.96 14.87 40.07
N HIS B 384 -17.14 15.92 40.14
CA HIS B 384 -16.24 16.12 41.26
C HIS B 384 -16.46 17.45 41.97
N GLY B 385 -17.45 18.23 41.53
CA GLY B 385 -17.80 19.50 42.18
C GLY B 385 -16.88 20.64 41.80
N THR B 386 -16.54 21.48 42.77
CA THR B 386 -15.58 22.56 42.55
C THR B 386 -14.16 22.01 42.67
N VAL B 387 -13.31 22.29 41.69
CA VAL B 387 -11.89 21.87 41.74
C VAL B 387 -10.95 22.91 41.18
N SER B 388 -9.69 22.82 41.59
CA SER B 388 -8.63 23.72 41.13
C SER B 388 -8.18 23.32 39.72
N ILE B 389 -7.65 24.27 38.96
CA ILE B 389 -7.08 23.96 37.65
C ILE B 389 -5.82 23.11 37.78
N TYR B 390 -5.17 23.15 38.94
CA TYR B 390 -4.03 22.29 39.22
C TYR B 390 -4.46 20.84 39.23
N ASP B 391 -5.57 20.56 39.92
CA ASP B 391 -6.14 19.22 39.93
C ASP B 391 -6.82 18.85 38.61
N ALA B 392 -7.49 19.80 37.98
CA ALA B 392 -8.11 19.56 36.67
C ALA B 392 -7.10 19.09 35.61
N LEU B 393 -5.88 19.63 35.67
CA LEU B 393 -4.87 19.43 34.63
C LEU B 393 -4.10 18.13 34.83
N ARG B 394 -3.77 17.82 36.07
CA ARG B 394 -3.02 16.61 36.37
C ARG B 394 -3.88 15.33 36.34
N GLN B 395 -5.19 15.48 36.33
CA GLN B 395 -6.10 14.34 36.18
C GLN B 395 -6.96 14.42 34.91
N SER B 396 -6.69 15.43 34.10
CA SER B 396 -7.22 15.50 32.74
C SER B 396 -8.76 15.57 32.66
N PHE B 397 -9.41 15.99 33.73
CA PHE B 397 -10.86 16.17 33.71
C PHE B 397 -11.29 16.96 32.48
N ASN B 398 -12.38 16.54 31.86
CA ASN B 398 -12.81 17.10 30.59
C ASN B 398 -13.51 18.44 30.75
N ILE B 399 -14.60 18.45 31.52
CA ILE B 399 -15.51 19.59 31.52
C ILE B 399 -14.84 20.90 31.93
N PRO B 400 -14.00 20.89 32.98
CA PRO B 400 -13.25 22.11 33.28
C PRO B 400 -12.44 22.61 32.09
N ALA B 401 -11.73 21.72 31.41
CA ALA B 401 -10.98 22.07 30.21
C ALA B 401 -11.84 22.79 29.16
N LEU B 402 -13.09 22.36 29.03
CA LEU B 402 -14.02 23.01 28.11
C LEU B 402 -14.48 24.34 28.69
N LYS B 403 -14.84 24.32 29.98
CA LYS B 403 -15.26 25.52 30.69
C LYS B 403 -14.19 26.59 30.60
N ALA B 404 -12.97 26.21 30.95
CA ALA B 404 -11.82 27.11 30.88
C ALA B 404 -11.68 27.69 29.49
N TRP B 405 -11.77 26.81 28.49
CA TRP B 405 -11.67 27.20 27.10
C TRP B 405 -12.67 28.30 26.75
N GLN B 406 -13.95 28.08 27.08
CA GLN B 406 -14.97 29.12 26.86
C GLN B 406 -14.60 30.41 27.57
N SER B 407 -14.23 30.27 28.84
CA SER B 407 -13.86 31.41 29.65
C SER B 407 -12.73 32.23 29.02
N VAL B 408 -11.82 31.57 28.32
CA VAL B 408 -10.77 32.26 27.56
C VAL B 408 -11.38 32.88 26.30
N LYS B 409 -12.15 32.09 25.55
CA LYS B 409 -12.88 32.57 24.36
C LYS B 409 -13.70 33.84 24.66
N GLN B 410 -14.32 33.85 25.84
CA GLN B 410 -15.21 34.91 26.27
C GLN B 410 -14.50 36.21 26.66
N ASN B 411 -13.45 36.08 27.47
CA ASN B 411 -12.77 37.21 28.08
C ASN B 411 -11.50 37.66 27.37
N ALA B 412 -10.85 36.77 26.63
CA ALA B 412 -9.58 37.10 25.99
C ALA B 412 -9.78 37.41 24.52
N GLY B 413 -10.75 36.73 23.92
CA GLY B 413 -11.00 36.82 22.48
C GLY B 413 -11.43 35.46 21.96
N ASN B 414 -12.26 35.46 20.93
CA ASN B 414 -12.80 34.23 20.36
C ASN B 414 -11.72 33.41 19.63
N ASP B 415 -10.61 34.08 19.29
CA ASP B 415 -9.47 33.44 18.65
C ASP B 415 -8.25 33.34 19.56
N ALA B 416 -8.41 33.60 20.85
CA ALA B 416 -7.30 33.54 21.80
C ALA B 416 -6.65 32.16 21.77
N PRO B 417 -7.47 31.09 21.78
CA PRO B 417 -6.89 29.75 21.79
C PRO B 417 -6.00 29.53 20.59
N LYS B 418 -6.57 29.69 19.39
CA LYS B 418 -5.84 29.56 18.12
C LYS B 418 -4.52 30.26 18.15
N LYS B 419 -4.50 31.47 18.69
CA LYS B 419 -3.29 32.30 18.70
C LYS B 419 -2.24 31.76 19.65
N PHE B 420 -2.66 31.10 20.72
CA PHE B 420 -1.72 30.53 21.67
C PHE B 420 -1.15 29.23 21.12
N ALA B 421 -1.99 28.46 20.43
CA ALA B 421 -1.56 27.21 19.85
C ALA B 421 -0.65 27.49 18.67
N ALA B 422 -1.09 28.39 17.79
CA ALA B 422 -0.32 28.81 16.62
C ALA B 422 1.13 29.13 16.97
N LYS B 423 1.34 29.85 18.07
CA LYS B 423 2.69 30.24 18.49
C LYS B 423 3.57 29.07 18.92
N LEU B 424 2.97 27.92 19.22
CA LEU B 424 3.72 26.69 19.50
C LEU B 424 3.66 25.66 18.37
N GLY B 425 3.48 26.12 17.14
CA GLY B 425 3.49 25.23 15.98
C GLY B 425 2.23 24.41 15.74
N LEU B 426 1.24 24.58 16.59
CA LEU B 426 0.05 23.78 16.52
C LEU B 426 -0.98 24.57 15.77
N ASN B 427 -1.19 24.24 14.50
CA ASN B 427 -1.97 25.07 13.60
C ASN B 427 -3.23 24.35 13.14
N TYR B 428 -4.31 25.13 12.97
CA TYR B 428 -5.58 24.57 12.55
C TYR B 428 -6.13 25.33 11.34
N GLU B 429 -6.49 24.59 10.29
CA GLU B 429 -7.09 25.16 9.08
C GLU B 429 -8.51 25.68 9.38
N GLY B 430 -9.25 24.95 10.22
CA GLY B 430 -10.62 25.32 10.58
C GLY B 430 -10.78 25.96 11.96
N ASP B 431 -12.04 26.15 12.38
CA ASP B 431 -12.35 26.66 13.71
C ASP B 431 -12.04 25.60 14.73
N ILE B 432 -11.67 25.99 15.94
CA ILE B 432 -11.38 25.03 17.00
C ILE B 432 -12.61 24.87 17.89
N GLY B 433 -13.38 23.81 17.65
CA GLY B 433 -14.50 23.41 18.53
C GLY B 433 -14.04 22.52 19.68
N PRO B 434 -14.98 22.05 20.51
CA PRO B 434 -14.63 21.32 21.74
C PRO B 434 -14.06 19.94 21.47
N SER B 435 -14.51 19.35 20.35
CA SER B 435 -13.89 18.14 19.86
C SER B 435 -12.39 18.32 19.82
N GLU B 436 -11.89 19.41 19.23
CA GLU B 436 -10.43 19.62 19.13
C GLU B 436 -9.73 19.96 20.46
N VAL B 437 -10.45 20.56 21.39
CA VAL B 437 -9.92 20.80 22.73
C VAL B 437 -9.65 19.48 23.45
N LEU B 438 -10.43 18.45 23.13
CA LEU B 438 -10.25 17.15 23.73
C LEU B 438 -9.54 16.17 22.78
N GLY B 439 -8.71 16.70 21.88
CA GLY B 439 -7.91 15.87 20.97
C GLY B 439 -8.63 15.32 19.76
N GLY B 440 -9.88 15.74 19.59
CA GLY B 440 -10.74 15.16 18.57
C GLY B 440 -10.56 15.85 17.23
N SER B 441 -11.13 15.25 16.20
CA SER B 441 -11.21 15.89 14.90
C SER B 441 -9.83 16.35 14.43
N ALA B 442 -9.70 17.62 14.05
CA ALA B 442 -8.49 18.17 13.42
C ALA B 442 -7.29 18.33 14.37
N SER B 443 -7.37 17.77 15.57
CA SER B 443 -6.31 17.87 16.58
C SER B 443 -5.34 16.67 16.46
N GLU B 444 -4.85 16.41 15.25
CA GLU B 444 -3.85 15.36 14.99
C GLU B 444 -2.47 15.99 14.79
N PHE B 445 -1.53 15.68 15.67
CA PHE B 445 -0.16 16.14 15.51
C PHE B 445 0.84 15.01 15.72
N SER B 446 2.09 15.29 15.36
CA SER B 446 3.21 14.36 15.54
C SER B 446 3.76 14.48 16.94
N PRO B 447 4.37 13.42 17.47
CA PRO B 447 5.17 13.53 18.70
C PRO B 447 6.19 14.65 18.67
N THR B 448 6.96 14.71 17.61
CA THR B 448 7.91 15.80 17.39
C THR B 448 7.24 17.17 17.54
N GLN B 449 6.04 17.29 16.99
CA GLN B 449 5.35 18.56 17.05
C GLN B 449 5.08 18.94 18.48
N LEU B 450 4.69 17.96 19.30
CA LEU B 450 4.33 18.23 20.69
C LEU B 450 5.58 18.38 21.59
N ALA B 451 6.66 17.70 21.26
CA ALA B 451 7.92 17.91 21.97
C ALA B 451 8.26 19.41 21.92
N SER B 452 8.12 19.99 20.73
CA SER B 452 8.43 21.41 20.57
C SER B 452 7.50 22.20 21.46
N ALA B 453 6.21 21.89 21.35
CA ALA B 453 5.17 22.60 22.08
C ALA B 453 5.50 22.59 23.54
N PHE B 454 5.73 21.39 24.07
CA PHE B 454 6.02 21.20 25.48
C PHE B 454 7.37 21.76 25.94
N ALA B 455 8.37 21.86 25.05
CA ALA B 455 9.67 22.41 25.48
C ALA B 455 9.56 23.90 25.80
N ALA B 456 8.58 24.57 25.16
CA ALA B 456 8.28 25.97 25.43
C ALA B 456 8.05 26.13 26.90
N ILE B 457 7.21 25.27 27.45
CA ILE B 457 6.96 25.28 28.87
C ILE B 457 8.27 25.08 29.61
N ALA B 458 9.04 24.07 29.18
CA ALA B 458 10.26 23.67 29.84
C ALA B 458 11.38 24.74 29.84
N ASN B 459 11.35 25.65 28.86
CA ASN B 459 12.44 26.60 28.61
C ASN B 459 12.03 28.08 28.71
N GLY B 460 11.19 28.43 29.66
CA GLY B 460 10.76 29.82 29.84
C GLY B 460 9.80 30.42 28.81
N GLY B 461 9.24 29.56 27.93
CA GLY B 461 8.14 29.97 27.06
C GLY B 461 8.57 30.32 25.66
N THR B 462 9.63 29.66 25.22
CA THR B 462 10.20 29.95 23.91
C THR B 462 10.11 28.72 23.00
N TYR B 463 9.56 28.90 21.80
CA TYR B 463 9.27 27.77 20.94
C TYR B 463 10.39 27.58 19.95
N ASN B 464 10.73 26.33 19.65
CA ASN B 464 11.71 26.00 18.64
C ASN B 464 11.22 24.80 17.88
N ASN B 465 11.18 24.94 16.57
CA ASN B 465 10.76 23.88 15.69
C ASN B 465 11.82 22.83 15.80
N ALA B 466 11.45 21.58 15.99
CA ALA B 466 12.48 20.55 16.12
C ALA B 466 13.47 20.70 14.98
N HIS B 467 14.76 20.71 15.31
CA HIS B 467 15.79 20.78 14.27
C HIS B 467 16.90 19.79 14.58
N SER B 468 17.35 19.08 13.54
CA SER B 468 18.36 18.02 13.68
C SER B 468 19.75 18.39 13.15
N ILE B 469 19.83 19.31 12.16
CA ILE B 469 21.11 19.58 11.49
C ILE B 469 21.71 20.87 12.02
N GLN B 470 22.93 20.83 12.57
CA GLN B 470 23.70 22.03 12.87
C GLN B 470 24.08 22.73 11.57
N LYS B 471 24.71 21.97 10.66
CA LYS B 471 25.37 22.51 9.48
C LYS B 471 25.79 21.38 8.58
N VAL B 472 26.15 21.70 7.34
CA VAL B 472 26.50 20.67 6.36
C VAL B 472 27.64 21.18 5.51
N VAL B 473 28.63 20.34 5.28
CA VAL B 473 29.82 20.75 4.61
C VAL B 473 29.90 20.00 3.31
N THR B 474 30.09 20.70 2.20
CA THR B 474 30.12 20.07 0.92
C THR B 474 31.55 19.81 0.57
N ARG B 475 31.75 18.85 -0.34
CA ARG B 475 33.08 18.41 -0.70
C ARG B 475 33.78 19.49 -1.47
N ASP B 476 33.02 20.15 -2.33
CA ASP B 476 33.50 21.29 -3.13
C ASP B 476 34.05 22.45 -2.28
N GLY B 477 33.70 22.54 -1.01
CA GLY B 477 34.38 23.47 -0.09
C GLY B 477 33.47 24.30 0.76
N GLU B 478 32.22 24.42 0.36
CA GLU B 478 31.28 25.29 1.01
C GLU B 478 30.73 24.60 2.23
N THR B 479 30.27 25.40 3.19
CA THR B 479 29.77 24.89 4.46
C THR B 479 28.59 25.78 4.92
N ILE B 480 27.43 25.15 5.16
CA ILE B 480 26.13 25.84 5.21
C ILE B 480 25.46 25.68 6.58
N GLU B 481 25.21 26.78 7.27
CA GLU B 481 24.55 26.72 8.58
C GLU B 481 23.05 26.74 8.40
N TYR B 482 22.39 25.83 9.10
CA TYR B 482 20.95 25.72 9.08
C TYR B 482 20.46 26.50 10.28
N ASP B 483 19.52 27.42 10.08
CA ASP B 483 18.80 27.92 11.24
C ASP B 483 17.41 27.33 11.23
N HIS B 484 16.78 27.48 12.39
CA HIS B 484 15.45 26.96 12.66
C HIS B 484 14.59 28.13 13.14
N THR B 485 13.29 28.03 12.93
CA THR B 485 12.41 29.14 13.24
C THR B 485 12.06 29.12 14.70
N SER B 486 12.88 29.79 15.51
CA SER B 486 12.66 29.98 16.96
C SER B 486 11.97 31.30 17.27
N HIS B 487 11.14 31.33 18.33
CA HIS B 487 10.46 32.55 18.79
C HIS B 487 9.72 32.36 20.14
N LYS B 488 9.36 33.47 20.78
CA LYS B 488 8.72 33.43 22.11
C LYS B 488 7.22 33.17 21.99
N ALA B 489 6.72 32.13 22.68
CA ALA B 489 5.33 31.68 22.57
C ALA B 489 4.43 32.03 23.75
N SER B 491 4.54 34.04 28.08
CA SER B 491 5.25 34.79 29.09
C SER B 491 5.96 33.88 30.08
N ASP B 492 7.05 34.41 30.64
CA ASP B 492 7.80 33.73 31.68
C ASP B 492 6.91 33.06 32.71
N TYR B 493 5.91 33.78 33.18
CA TYR B 493 5.05 33.30 34.25
C TYR B 493 4.13 32.19 33.79
N THR B 494 3.50 32.36 32.63
CA THR B 494 2.64 31.31 32.10
C THR B 494 3.44 30.02 32.01
N ALA B 495 4.59 30.08 31.36
CA ALA B 495 5.50 28.94 31.22
C ALA B 495 5.81 28.29 32.57
N TYR B 496 6.27 29.08 33.53
CA TYR B 496 6.72 28.54 34.83
C TYR B 496 5.59 27.87 35.59
N LEU B 498 2.77 26.55 34.39
CA LEU B 498 2.40 25.28 33.73
C LEU B 498 3.38 24.18 34.10
N ALA B 499 4.67 24.48 34.05
CA ALA B 499 5.70 23.50 34.41
C ALA B 499 5.42 22.90 35.80
N GLU B 500 5.42 23.77 36.81
CA GLU B 500 5.14 23.37 38.19
C GLU B 500 3.78 22.68 38.34
N LEU B 502 2.44 20.91 36.04
CA LEU B 502 2.51 19.63 35.36
C LEU B 502 3.43 18.66 36.04
N LYS B 503 4.29 19.12 36.96
CA LYS B 503 4.98 18.24 37.92
C LYS B 503 3.93 17.48 38.71
N GLY B 504 2.74 18.07 38.79
CA GLY B 504 1.59 17.46 39.42
C GLY B 504 1.22 16.12 38.84
N THR B 505 1.39 15.96 37.53
CA THR B 505 1.00 14.72 36.87
C THR B 505 1.72 13.51 37.44
N PHE B 506 2.84 13.72 38.13
CA PHE B 506 3.57 12.63 38.76
C PHE B 506 3.27 12.45 40.24
N LYS B 507 2.59 13.42 40.84
CA LYS B 507 2.24 13.32 42.25
C LYS B 507 0.98 12.48 42.45
N PRO B 508 0.77 11.93 43.66
CA PRO B 508 -0.36 11.03 43.93
C PRO B 508 -1.69 11.55 43.42
N TYR B 509 -2.47 10.62 42.85
CA TYR B 509 -3.69 10.89 42.06
C TYR B 509 -3.45 11.44 40.65
N GLY B 510 -2.18 11.69 40.31
CA GLY B 510 -1.83 12.24 39.01
C GLY B 510 -1.83 11.15 37.98
N SER B 511 -2.13 11.53 36.75
CA SER B 511 -2.28 10.58 35.64
C SER B 511 -1.02 9.78 35.32
N ALA B 512 0.14 10.24 35.77
CA ALA B 512 1.38 9.49 35.57
C ALA B 512 1.97 8.93 36.86
N TYR B 513 1.15 8.83 37.91
CA TYR B 513 1.69 8.44 39.22
C TYR B 513 2.37 7.09 39.21
N GLY B 514 3.65 7.10 39.61
CA GLY B 514 4.46 5.90 39.65
C GLY B 514 5.59 5.93 38.64
N HIS B 515 5.42 6.75 37.59
CA HIS B 515 6.37 6.75 36.48
C HIS B 515 7.30 7.98 36.45
N GLY B 516 7.37 8.68 37.57
CA GLY B 516 8.39 9.70 37.74
C GLY B 516 9.77 9.12 38.01
N VAL B 517 10.78 9.90 37.64
CA VAL B 517 12.19 9.64 37.99
C VAL B 517 12.51 10.41 39.29
N SER B 518 13.40 9.87 40.11
CA SER B 518 13.50 10.28 41.52
C SER B 518 14.12 11.66 41.74
N GLY B 519 15.40 11.81 41.44
CA GLY B 519 16.08 13.08 41.72
C GLY B 519 16.02 14.06 40.57
N VAL B 520 14.88 14.11 39.88
CA VAL B 520 14.75 14.80 38.60
C VAL B 520 13.49 15.66 38.56
N ASN B 521 13.65 16.98 38.48
CA ASN B 521 12.51 17.89 38.38
C ASN B 521 11.84 17.75 37.00
N GLY B 523 7.82 17.36 34.69
CA GLY B 523 6.38 17.39 34.61
C GLY B 523 5.99 16.89 33.25
N ALA B 524 4.70 16.61 33.09
CA ALA B 524 4.22 15.94 31.90
C ALA B 524 2.71 15.99 31.82
N LYS B 525 2.17 15.78 30.62
CA LYS B 525 0.74 15.64 30.43
C LYS B 525 0.47 14.41 29.61
N THR B 526 -0.37 13.54 30.16
CA THR B 526 -0.69 12.28 29.53
C THR B 526 -1.80 12.49 28.52
N GLY B 527 -2.06 11.50 27.69
CA GLY B 527 -2.98 11.69 26.59
C GLY B 527 -3.73 10.46 26.13
N THR B 528 -4.97 10.33 26.54
CA THR B 528 -5.80 9.23 26.10
C THR B 528 -6.85 9.75 25.13
N GLY B 529 -6.90 9.14 23.95
CA GLY B 529 -7.89 9.51 22.92
C GLY B 529 -8.81 8.36 22.62
N THR B 530 -10.11 8.64 22.59
CA THR B 530 -11.13 7.64 22.30
C THR B 530 -11.30 7.41 20.80
N TYR B 531 -12.24 6.55 20.41
CA TYR B 531 -12.65 6.43 18.99
C TYR B 531 -13.91 7.25 18.70
N GLY B 532 -14.29 7.29 17.42
CA GLY B 532 -15.59 7.86 17.03
C GLY B 532 -16.73 6.96 17.48
N ALA B 533 -17.79 7.52 18.04
CA ALA B 533 -18.85 6.71 18.68
C ALA B 533 -19.56 5.71 17.74
N GLU B 534 -19.32 5.84 16.43
CA GLU B 534 -19.74 4.88 15.42
C GLU B 534 -18.90 3.59 15.49
N THR B 535 -17.61 3.76 15.68
CA THR B 535 -16.65 2.65 15.74
C THR B 535 -16.78 1.77 17.00
N TYR B 536 -17.18 2.36 18.13
CA TYR B 536 -17.49 1.59 19.34
C TYR B 536 -18.50 0.50 19.05
N SER B 537 -19.66 0.86 18.51
CA SER B 537 -20.69 -0.15 18.19
C SER B 537 -20.27 -1.06 17.03
N GLN B 538 -19.54 -0.50 16.06
CA GLN B 538 -19.15 -1.21 14.84
C GLN B 538 -18.16 -2.32 15.05
N TYR B 539 -17.16 -2.06 15.91
CA TYR B 539 -16.14 -3.05 16.27
C TYR B 539 -16.37 -3.61 17.67
N ASN B 540 -17.56 -3.38 18.23
CA ASN B 540 -17.93 -3.83 19.56
C ASN B 540 -16.82 -3.60 20.59
N LEU B 541 -16.32 -2.36 20.65
CA LEU B 541 -15.30 -1.97 21.60
C LEU B 541 -15.92 -1.64 22.98
N PRO B 542 -15.36 -2.21 24.07
CA PRO B 542 -15.83 -1.91 25.41
C PRO B 542 -15.66 -0.44 25.79
N ASP B 543 -16.56 0.08 26.63
CA ASP B 543 -16.62 1.53 26.93
C ASP B 543 -15.25 2.14 27.07
N ASN B 544 -14.36 1.45 27.78
CA ASN B 544 -13.04 1.99 28.15
C ASN B 544 -11.91 1.57 27.22
N ALA B 545 -12.20 1.54 25.93
CA ALA B 545 -11.23 1.22 24.89
C ALA B 545 -10.74 2.54 24.33
N ALA B 546 -9.42 2.71 24.29
CA ALA B 546 -8.78 3.89 23.75
C ALA B 546 -8.08 3.53 22.45
N LYS B 547 -8.03 4.50 21.53
CA LYS B 547 -7.40 4.36 20.21
C LYS B 547 -5.92 4.81 20.21
N ASP B 548 -5.66 6.00 20.74
CA ASP B 548 -4.30 6.55 20.85
C ASP B 548 -3.99 6.83 22.33
N VAL B 549 -2.72 6.64 22.73
CA VAL B 549 -2.25 7.08 24.06
C VAL B 549 -0.85 7.77 24.04
N TRP B 550 -0.68 8.82 24.85
CA TRP B 550 0.56 9.63 24.86
C TRP B 550 1.07 9.88 26.25
N ILE B 551 2.38 10.11 26.37
CA ILE B 551 2.91 10.88 27.52
C ILE B 551 3.99 11.84 27.05
N ASN B 552 3.75 13.13 27.30
CA ASN B 552 4.67 14.20 26.93
C ASN B 552 5.29 14.72 28.20
N GLY B 553 6.55 14.44 28.42
CA GLY B 553 7.20 14.90 29.63
C GLY B 553 8.35 15.83 29.31
N PHE B 554 8.77 16.62 30.31
CA PHE B 554 9.86 17.56 30.11
C PHE B 554 10.60 17.86 31.39
N THR B 555 11.92 17.77 31.33
CA THR B 555 12.78 18.30 32.38
C THR B 555 13.38 19.61 31.84
N PRO B 556 14.12 20.35 32.67
CA PRO B 556 14.79 21.52 32.09
C PRO B 556 15.78 21.16 30.96
N GLN B 557 16.27 19.93 30.97
CA GLN B 557 17.27 19.45 30.01
C GLN B 557 16.61 18.91 28.75
N TYR B 558 15.70 17.94 28.94
CA TYR B 558 15.15 17.12 27.87
C TYR B 558 13.63 17.14 27.85
N THR B 559 13.05 17.16 26.66
CA THR B 559 11.60 17.04 26.49
C THR B 559 11.33 15.79 25.69
N SER B 561 8.24 13.41 23.87
CA SER B 561 6.88 13.01 23.51
C SER B 561 6.84 11.57 23.01
N VAL B 562 6.04 10.73 23.65
CA VAL B 562 5.78 9.37 23.20
C VAL B 562 4.31 9.21 22.82
N TRP B 563 4.07 8.54 21.69
CA TRP B 563 2.71 8.18 21.24
C TRP B 563 2.66 6.70 21.02
N GLY B 565 -0.32 3.64 19.50
CA GLY B 565 -1.59 3.34 18.90
C GLY B 565 -1.49 1.98 18.26
N PHE B 566 -2.38 1.70 17.31
CA PHE B 566 -2.45 0.38 16.68
C PHE B 566 -2.60 0.50 15.16
N SER B 567 -2.06 -0.48 14.43
CA SER B 567 -2.09 -0.48 12.96
C SER B 567 -3.50 -0.41 12.39
N LYS B 568 -4.43 -1.03 13.07
CA LYS B 568 -5.85 -0.97 12.71
C LYS B 568 -6.72 -1.43 13.86
N VAL B 569 -7.90 -0.81 13.99
CA VAL B 569 -8.88 -1.23 15.00
C VAL B 569 -9.39 -2.65 14.69
N LYS B 570 -9.88 -3.33 15.72
CA LYS B 570 -10.24 -4.74 15.63
C LYS B 570 -11.36 -5.04 16.59
N GLN B 571 -12.13 -6.07 16.27
CA GLN B 571 -13.35 -6.38 16.99
C GLN B 571 -13.04 -6.69 18.46
N TYR B 572 -13.92 -6.25 19.34
CA TYR B 572 -13.86 -6.58 20.78
C TYR B 572 -12.71 -5.95 21.58
N GLY B 573 -11.88 -5.13 20.95
CA GLY B 573 -10.83 -4.39 21.67
C GLY B 573 -9.42 -4.92 21.49
N GLU B 574 -9.27 -6.01 20.72
CA GLU B 574 -7.98 -6.68 20.54
C GLU B 574 -6.78 -5.74 20.27
N ASN B 575 -6.94 -4.80 19.35
CA ASN B 575 -5.88 -3.82 19.00
C ASN B 575 -6.23 -2.47 19.58
N SER B 576 -6.70 -2.45 20.82
CA SER B 576 -7.08 -1.21 21.46
C SER B 576 -6.53 -1.21 22.87
N PHE B 577 -6.47 -0.06 23.49
CA PHE B 577 -6.01 -0.01 24.87
C PHE B 577 -7.27 -0.10 25.75
N VAL B 578 -7.41 -1.16 26.51
CA VAL B 578 -8.60 -1.33 27.34
C VAL B 578 -8.19 -1.46 28.80
N GLY B 579 -8.65 -0.52 29.63
CA GLY B 579 -8.20 -0.45 31.01
C GLY B 579 -6.96 0.41 31.22
N HIS B 580 -6.76 0.87 32.44
CA HIS B 580 -5.63 1.71 32.82
C HIS B 580 -4.30 1.05 32.48
N SER B 581 -4.19 -0.22 32.82
CA SER B 581 -2.94 -0.96 32.69
C SER B 581 -2.34 -0.81 31.30
N GLN B 582 -3.17 -1.09 30.28
CA GLN B 582 -2.77 -1.01 28.88
C GLN B 582 -2.58 0.43 28.44
N GLN B 583 -3.35 1.34 29.01
CA GLN B 583 -3.28 2.75 28.63
C GLN B 583 -2.02 3.44 29.19
N GLU B 584 -1.47 2.82 30.22
CA GLU B 584 -0.29 3.28 30.92
C GLU B 584 1.00 2.96 30.13
N TYR B 585 0.94 2.01 29.17
CA TYR B 585 2.13 1.58 28.41
C TYR B 585 3.12 2.70 28.04
N PRO B 586 2.64 3.76 27.37
CA PRO B 586 3.61 4.76 27.02
C PRO B 586 4.41 5.28 28.20
N GLN B 587 3.87 5.23 29.42
CA GLN B 587 4.56 5.78 30.58
C GLN B 587 5.79 5.00 31.01
N PHE B 588 5.78 3.70 30.73
CA PHE B 588 6.93 2.85 30.98
C PHE B 588 8.11 3.27 30.11
N LEU B 589 7.88 3.32 28.79
CA LEU B 589 8.95 3.67 27.84
C LEU B 589 9.55 4.99 28.23
N TYR B 590 8.68 5.95 28.50
CA TYR B 590 9.08 7.26 28.97
C TYR B 590 9.97 7.17 30.23
N GLU B 591 9.51 6.41 31.21
CA GLU B 591 10.21 6.29 32.49
C GLU B 591 11.57 5.60 32.36
N ASN B 592 11.62 4.56 31.54
CA ASN B 592 12.85 3.79 31.38
C ASN B 592 13.95 4.58 30.69
N VAL B 593 13.55 5.47 29.78
CA VAL B 593 14.48 6.25 28.97
C VAL B 593 14.87 7.52 29.73
N SER B 595 14.87 8.11 32.94
CA SER B 595 15.64 7.81 34.12
C SER B 595 17.05 7.49 33.72
N LYS B 596 17.24 6.77 32.61
CA LYS B 596 18.59 6.40 32.21
C LYS B 596 19.40 7.61 31.76
N ILE B 597 18.76 8.51 31.01
CA ILE B 597 19.48 9.58 30.33
C ILE B 597 19.54 10.91 31.07
N SER B 598 18.69 11.11 32.07
CA SER B 598 18.67 12.38 32.83
C SER B 598 19.83 12.54 33.81
N SER B 599 20.20 13.77 34.09
CA SER B 599 21.15 14.05 35.18
C SER B 599 20.39 14.19 36.48
N ARG B 600 21.07 13.91 37.58
CA ARG B 600 20.52 14.14 38.92
C ARG B 600 21.06 15.44 39.53
N ASP B 601 21.60 16.30 38.64
CA ASP B 601 22.43 17.42 39.03
C ASP B 601 21.68 18.52 39.77
N GLY B 602 20.36 18.36 39.87
CA GLY B 602 19.52 19.24 40.68
C GLY B 602 18.76 20.32 39.92
N GLU B 603 19.17 20.59 38.69
CA GLU B 603 18.60 21.68 37.88
C GLU B 603 17.07 21.66 37.91
N ASP B 604 16.46 22.83 38.11
CA ASP B 604 15.01 22.97 38.15
C ASP B 604 14.56 24.08 37.22
N PHE B 605 13.28 24.06 36.83
CA PHE B 605 12.73 25.08 35.93
C PHE B 605 12.98 26.50 36.47
N LYS B 606 13.55 27.36 35.67
CA LYS B 606 13.87 28.71 36.13
C LYS B 606 12.62 29.48 36.57
N ARG B 607 12.78 30.24 37.65
CA ARG B 607 11.71 30.96 38.33
C ARG B 607 11.79 32.46 38.07
N PRO B 608 10.70 33.08 37.55
CA PRO B 608 10.72 34.52 37.30
C PRO B 608 10.28 35.35 38.50
N SER B 609 10.66 36.63 38.49
CA SER B 609 10.19 37.56 39.52
C SER B 609 8.70 37.86 39.33
N SER B 610 8.24 37.72 38.09
CA SER B 610 6.86 38.02 37.72
C SER B 610 5.82 37.02 38.27
N VAL B 611 6.25 35.93 38.90
CA VAL B 611 5.32 35.05 39.61
C VAL B 611 5.44 35.26 41.10
N SER B 612 4.42 34.80 41.83
CA SER B 612 4.42 34.85 43.28
C SER B 612 3.45 33.80 43.85
N GLY B 613 3.79 33.29 45.03
CA GLY B 613 3.08 32.17 45.63
C GLY B 613 3.86 30.88 45.45
N SER B 614 3.28 29.76 45.84
CA SER B 614 3.93 28.47 45.70
C SER B 614 2.90 27.38 45.38
N ILE B 615 3.32 26.38 44.61
CA ILE B 615 2.47 25.21 44.30
C ILE B 615 1.79 24.66 45.55
N PRO B 616 0.47 24.42 45.50
CA PRO B 616 -0.46 24.48 44.37
C PRO B 616 -1.09 25.86 44.11
N SER B 617 -0.55 26.91 44.72
CA SER B 617 -1.18 28.23 44.72
C SER B 617 -0.20 29.33 44.31
N ILE B 618 0.21 29.31 43.04
CA ILE B 618 1.01 30.41 42.48
C ILE B 618 0.10 31.28 41.62
N ASN B 619 0.25 32.60 41.74
CA ASN B 619 -0.51 33.57 40.93
C ASN B 619 0.42 34.60 40.29
N VAL B 620 -0.12 35.41 39.40
CA VAL B 620 0.67 36.43 38.71
C VAL B 620 0.89 37.62 39.64
N SER B 621 2.14 38.03 39.77
CA SER B 621 2.54 38.98 40.82
C SER B 621 2.06 40.39 40.48
N GLY B 622 0.99 40.81 41.14
CA GLY B 622 0.34 42.10 40.89
C GLY B 622 -1.12 41.97 40.52
N SER B 623 -1.51 40.79 40.01
CA SER B 623 -2.87 40.54 39.53
C SER B 623 -3.45 39.30 40.19
N GLN B 624 -3.71 39.38 41.49
CA GLN B 624 -4.15 38.19 42.24
C GLN B 624 -5.55 37.75 41.78
N ASP B 625 -5.83 36.45 41.92
CA ASP B 625 -7.07 35.85 41.43
C ASP B 625 -8.04 35.59 42.57
N ASN B 626 -9.24 36.17 42.45
CA ASN B 626 -10.31 35.97 43.44
C ASN B 626 -11.18 34.77 43.07
N ASN B 627 -10.56 33.62 42.88
CA ASN B 627 -11.31 32.39 42.63
C ASN B 627 -10.52 31.13 43.01
N THR B 628 -9.77 31.24 44.10
CA THR B 628 -8.82 30.22 44.49
C THR B 628 -9.38 29.27 45.56
N THR B 629 -9.83 28.10 45.15
CA THR B 629 -10.13 27.02 46.10
C THR B 629 -8.84 26.45 46.67
N ASN B 630 -8.88 26.00 47.91
CA ASN B 630 -7.78 25.26 48.52
C ASN B 630 -8.19 23.81 48.60
N ARG B 631 -9.00 23.37 47.63
CA ARG B 631 -9.69 22.09 47.70
C ARG B 631 -8.93 20.99 46.94
N SER B 632 -8.58 19.92 47.67
CA SER B 632 -7.78 18.83 47.13
C SER B 632 -8.61 17.87 46.27
N THR B 633 -7.99 16.78 45.85
CA THR B 633 -8.64 15.78 44.97
C THR B 633 -9.57 14.84 45.74
N HIS B 634 -9.02 13.81 46.39
CA HIS B 634 -9.83 12.80 47.09
C HIS B 634 -9.54 12.79 48.59
#